data_3AVW
#
_entry.id   3AVW
#
_cell.length_a   140.020
_cell.length_b   256.830
_cell.length_c   101.570
_cell.angle_alpha   90.00
_cell.angle_beta   90.00
_cell.angle_gamma   90.00
#
_symmetry.space_group_name_H-M   'C 2 2 21'
#
loop_
_entity.id
_entity.type
_entity.pdbx_description
1 polymer 'Elongation factor Ts, Elongation factor Tu, LINKER, Q beta replicase'
2 polymer "RNA (5'-R(*GP*GP*GP*UP*CP*CP*AP*C)-3')"
3 polymer "RNA (5'-R(*AP*UP*CP*GP*UP*GP*GP*AP*CP*CP*CP*A)-3')"
4 non-polymer 'CALCIUM ION'
5 non-polymer "3'-DEOXY-GUANOSINE-5'-TRIPHOSPHATE"
6 water water
#
loop_
_entity_poly.entity_id
_entity_poly.type
_entity_poly.pdbx_seq_one_letter_code
_entity_poly.pdbx_strand_id
1 'polypeptide(L)'
;MAEITASLVKELRERTGAGMMDCKKALTEANGDIELAIENMRKSGAIKAAKKAGNVAADGVIKTKIDGNYGIILEVNCQT
DFVAKDAGFQAFADKVLDAAVAGKITDVEVLKAQFEEERVALVAKIGENINIRRVAALEGDVLGSYQHGARIGVLVAAKG
ADEELVKHIAMHVAASKPEFIKPEDVSAEVVEKEYQVQLDIAMQSGKPKEIAEKMVEGRMKKFTGEVSLTGQPFVMEPSK
TVGQLLKEHNAEVTGFIRFEVGEGIEKVETDFAAEVAAMSKQSHMSKEKFERTKPHVNVGTIGHVDHGKTTLTAAITTVL
AKTYGGAARAFDQIDNAPEEKARGITINTSHVEYDTPTRHYAHVDCPGHADYVKNMITGAAQMDGAILVVAATDGPMPQT
REHILLGRQVGVPYIIVFLNKCDMVDDEELLELVEMEVRELLSQYDFPGDDTPIVRGSALKALEGDAEWEAKILELAGFL
DSYIPEPERAIDKPFLLPIEDVFSISGRGTVVTGRVERGIIKVGEEVEIVGIKETQKSTCTGVEMFRKLLDEGRAGENVG
VLLRGIKREEIERGQVLAKPGTIKPHTKFESEVYILSKDEGGRHTPFFKGYRPQFYFRTTDVTGTIELPEGVEMVMPGDN
IKMVVTLIHPIAMDDGLRFAIREGGRTVGAGVVAKVLSGASGAAGGGGSGGGGSMSKTASSRNSLSAQLRRAANTRIEVE
GNLALSIANDLLLAYGQSPFNSEAECISFSPRFDGTPDDFRINYLKAEIMSKYDDFSLGIDTEAVAWEKFLAAEAECALT
NARLYRPDYSEDFNFSLGESCIHMARRKIAKLIGDVPSVEGMLRHCRFSGGATTTNNRSYGHPSFKFALPQACTPRALKY
VLALRASTHFDIRISDISPFNKAVTVPKNSKTDRCIAIEPGWNMFFQLGIGGILRDRLRCWGIDLNDQTINQRRAHEGSV
TNNLATVDLSAASDSISLALCELLLPPGWFEVLMDLRSPKGRLPDGSVVTYEKISSMGNGYTFELESLIFASLARSVCEI
LDLDSSEVTVYGDDIILPSCAVPALREVFKYVGFTTNTKKTFSEGPFRESCGKHYYSGVDVTPFYIRHRIVSPADLILVL
NNLYRWATIDGVWDPRAHSVYLKYRKLLPKQLQRNTIPDGYGDGALVGSVLINPFAKNRGWIRYVPVITDHTRDRERAEL
GSYLYDLFSRCLSESNDGLPLRGPSGCDSADLFAIDQLICRSNPTKISRSTGKFDIQYIACSSRVLAPYGVFQGTKVASL
HEAHHHHHH
;
A
2 'polyribonucleotide' GGGUCCAC G
3 'polyribonucleotide' AUCGUGGACCCA T
#
# COMPACT_ATOMS: atom_id res chain seq x y z
N ALA A 2 -9.35 44.98 37.19
CA ALA A 2 -9.88 44.10 38.22
C ALA A 2 -11.36 44.40 38.47
N GLU A 3 -11.99 43.65 39.38
CA GLU A 3 -13.42 43.82 39.67
C GLU A 3 -13.86 43.46 41.11
N ILE A 4 -14.14 42.17 41.32
CA ILE A 4 -14.58 41.65 42.63
C ILE A 4 -13.54 40.69 43.19
N THR A 5 -13.57 40.52 44.51
CA THR A 5 -12.68 39.59 45.20
C THR A 5 -12.43 38.30 44.42
N ALA A 6 -11.16 38.02 44.15
CA ALA A 6 -10.79 36.83 43.38
C ALA A 6 -11.12 35.56 44.17
N SER A 7 -11.04 35.63 45.50
CA SER A 7 -11.29 34.48 46.36
C SER A 7 -12.75 34.05 46.29
N LEU A 8 -13.61 34.95 45.82
CA LEU A 8 -15.03 34.66 45.71
C LEU A 8 -15.37 33.91 44.43
N VAL A 9 -14.78 34.33 43.31
CA VAL A 9 -15.01 33.63 42.05
C VAL A 9 -14.64 32.15 42.20
N LYS A 10 -13.52 31.90 42.88
CA LYS A 10 -13.04 30.55 43.12
C LYS A 10 -14.10 29.72 43.84
N GLU A 11 -14.72 30.31 44.85
CA GLU A 11 -15.76 29.63 45.59
C GLU A 11 -16.93 29.31 44.67
N LEU A 12 -17.15 30.17 43.69
CA LEU A 12 -18.26 30.01 42.76
C LEU A 12 -17.94 28.93 41.75
N ARG A 13 -16.71 28.97 41.24
CA ARG A 13 -16.26 28.04 40.22
C ARG A 13 -16.18 26.60 40.72
N GLU A 14 -15.42 26.37 41.79
CA GLU A 14 -15.27 25.00 42.33
C GLU A 14 -16.55 24.58 43.06
N ARG A 15 -17.66 25.20 42.66
CA ARG A 15 -18.98 24.85 43.14
C ARG A 15 -19.88 24.62 41.92
N THR A 16 -19.47 25.16 40.79
CA THR A 16 -20.28 25.20 39.58
C THR A 16 -19.62 24.58 38.35
N GLY A 17 -18.30 24.69 38.26
CA GLY A 17 -17.55 24.14 37.14
C GLY A 17 -17.58 25.05 35.94
N ALA A 18 -18.07 26.28 36.16
CA ALA A 18 -18.20 27.27 35.11
C ALA A 18 -16.87 27.95 34.77
N GLY A 19 -16.78 28.49 33.56
CA GLY A 19 -15.60 29.23 33.16
C GLY A 19 -15.26 30.34 34.15
N MET A 20 -14.01 30.78 34.13
CA MET A 20 -13.58 31.84 35.04
C MET A 20 -14.43 33.09 34.86
N MET A 21 -14.25 33.74 33.71
CA MET A 21 -14.95 34.97 33.36
C MET A 21 -16.45 34.88 33.43
N ASP A 22 -16.99 33.68 33.24
CA ASP A 22 -18.42 33.49 33.33
C ASP A 22 -18.81 33.46 34.79
N CYS A 23 -17.84 33.15 35.65
CA CYS A 23 -18.05 33.20 37.08
C CYS A 23 -17.90 34.63 37.56
N LYS A 24 -17.06 35.40 36.88
CA LYS A 24 -16.81 36.79 37.23
C LYS A 24 -17.99 37.68 36.85
N LYS A 25 -18.21 37.83 35.55
CA LYS A 25 -19.29 38.67 35.05
C LYS A 25 -20.66 38.28 35.62
N ALA A 26 -20.82 37.01 35.98
CA ALA A 26 -22.09 36.54 36.52
C ALA A 26 -22.16 36.75 38.03
N LEU A 27 -21.04 37.14 38.60
CA LEU A 27 -20.98 37.43 40.02
C LEU A 27 -20.94 38.95 40.21
N THR A 28 -20.69 39.66 39.13
CA THR A 28 -20.71 41.11 39.17
C THR A 28 -22.14 41.62 39.08
N GLU A 29 -22.97 40.93 38.31
CA GLU A 29 -24.37 41.32 38.13
C GLU A 29 -25.25 40.83 39.29
N ALA A 30 -24.77 39.83 40.00
CA ALA A 30 -25.47 39.32 41.18
C ALA A 30 -25.02 40.11 42.41
N ASN A 31 -24.24 41.16 42.17
CA ASN A 31 -23.70 42.01 43.23
C ASN A 31 -23.01 41.23 44.35
N GLY A 32 -22.23 40.23 43.96
CA GLY A 32 -21.50 39.43 44.91
C GLY A 32 -22.38 38.49 45.71
N ASP A 33 -23.46 38.03 45.10
CA ASP A 33 -24.38 37.13 45.80
C ASP A 33 -24.22 35.67 45.39
N ILE A 34 -23.70 34.88 46.33
CA ILE A 34 -23.36 33.49 46.09
C ILE A 34 -24.50 32.68 45.48
N GLU A 35 -25.42 32.20 46.31
CA GLU A 35 -26.54 31.39 45.85
C GLU A 35 -27.35 32.09 44.75
N LEU A 36 -27.05 33.35 44.47
CA LEU A 36 -27.76 34.10 43.43
C LEU A 36 -27.11 33.97 42.06
N ALA A 37 -25.80 34.13 42.02
CA ALA A 37 -25.05 34.02 40.77
C ALA A 37 -25.30 32.68 40.10
N ILE A 38 -25.34 31.64 40.92
CA ILE A 38 -25.59 30.28 40.43
C ILE A 38 -26.77 30.23 39.48
N GLU A 39 -27.83 30.98 39.80
CA GLU A 39 -29.05 30.93 39.02
C GLU A 39 -28.94 31.70 37.71
N ASN A 40 -28.39 32.91 37.76
CA ASN A 40 -28.22 33.71 36.54
C ASN A 40 -27.48 32.89 35.50
N MET A 41 -26.68 31.94 35.97
CA MET A 41 -25.90 31.05 35.11
C MET A 41 -26.77 29.90 34.64
N ARG A 42 -27.57 29.37 35.55
CA ARG A 42 -28.48 28.29 35.20
C ARG A 42 -29.35 28.68 34.02
N LYS A 43 -30.11 29.77 34.18
CA LYS A 43 -31.00 30.25 33.12
C LYS A 43 -30.21 30.54 31.84
N SER A 44 -28.90 30.72 31.97
CA SER A 44 -28.04 31.00 30.83
C SER A 44 -27.50 29.71 30.24
N GLY A 45 -27.34 28.70 31.08
CA GLY A 45 -26.82 27.41 30.66
C GLY A 45 -27.53 26.87 29.44
N ALA A 46 -28.79 27.27 29.28
CA ALA A 46 -29.58 26.84 28.15
C ALA A 46 -29.24 27.62 26.87
N ILE A 47 -29.02 28.92 27.01
CA ILE A 47 -28.61 29.74 25.86
C ILE A 47 -27.21 29.33 25.39
N LYS A 48 -26.42 28.82 26.33
CA LYS A 48 -25.07 28.33 26.07
C LYS A 48 -25.15 27.10 25.17
N ALA A 49 -25.76 26.05 25.70
CA ALA A 49 -26.01 24.82 24.95
C ALA A 49 -26.67 25.14 23.62
N ALA A 50 -27.51 26.17 23.63
CA ALA A 50 -28.18 26.62 22.42
C ALA A 50 -27.19 26.87 21.29
N LYS A 51 -26.24 27.78 21.50
CA LYS A 51 -25.27 28.07 20.45
C LYS A 51 -24.31 26.90 20.28
N LYS A 52 -24.21 26.09 21.32
CA LYS A 52 -23.38 24.89 21.26
C LYS A 52 -23.95 23.91 20.24
N ALA A 53 -25.24 23.63 20.35
CA ALA A 53 -25.87 22.60 19.55
C ALA A 53 -25.75 22.89 18.06
N GLY A 54 -24.95 23.89 17.72
CA GLY A 54 -24.61 24.16 16.33
C GLY A 54 -23.52 23.23 15.83
N ASN A 55 -22.53 22.95 16.69
CA ASN A 55 -21.41 22.07 16.36
C ASN A 55 -21.80 20.62 16.13
N VAL A 56 -21.16 20.00 15.14
CA VAL A 56 -21.33 18.57 14.90
C VAL A 56 -20.69 17.75 16.02
N ALA A 57 -21.46 16.83 16.59
CA ALA A 57 -20.95 15.97 17.65
C ALA A 57 -20.90 14.51 17.22
N ALA A 58 -19.90 14.15 16.43
CA ALA A 58 -19.80 12.80 15.87
C ALA A 58 -19.19 11.74 16.80
N ASP A 59 -18.54 12.15 17.89
CA ASP A 59 -17.94 11.17 18.79
C ASP A 59 -18.90 10.84 19.94
N GLY A 60 -18.47 10.00 20.88
CA GLY A 60 -19.31 9.72 22.01
C GLY A 60 -19.09 8.34 22.59
N VAL A 61 -20.12 7.75 23.16
CA VAL A 61 -20.01 6.41 23.71
C VAL A 61 -21.29 5.63 23.45
N ILE A 62 -21.21 4.32 23.60
CA ILE A 62 -22.40 3.48 23.57
C ILE A 62 -22.45 2.65 24.83
N LYS A 63 -23.62 2.59 25.45
CA LYS A 63 -23.75 1.91 26.73
C LYS A 63 -24.78 0.80 26.64
N THR A 64 -24.69 -0.13 27.57
CA THR A 64 -25.42 -1.37 27.43
C THR A 64 -25.85 -1.90 28.79
N LYS A 65 -27.12 -2.32 28.90
CA LYS A 65 -27.67 -2.79 30.18
C LYS A 65 -28.69 -3.93 30.01
N ILE A 66 -28.50 -5.00 30.80
CA ILE A 66 -29.41 -6.17 30.76
C ILE A 66 -29.95 -6.64 32.13
N ASP A 67 -31.26 -6.49 32.32
CA ASP A 67 -31.95 -6.90 33.54
C ASP A 67 -32.66 -8.24 33.40
N GLY A 68 -32.00 -9.30 33.83
CA GLY A 68 -32.57 -10.63 33.76
C GLY A 68 -32.74 -11.10 32.33
N ASN A 69 -33.78 -10.62 31.67
CA ASN A 69 -33.97 -10.86 30.24
C ASN A 69 -34.66 -9.68 29.55
N TYR A 70 -34.44 -8.50 30.09
CA TYR A 70 -34.77 -7.27 29.39
C TYR A 70 -33.51 -6.40 29.34
N GLY A 71 -33.15 -5.94 28.14
CA GLY A 71 -31.92 -5.17 27.98
C GLY A 71 -32.14 -3.89 27.19
N ILE A 72 -31.17 -2.99 27.26
CA ILE A 72 -31.24 -1.74 26.49
C ILE A 72 -29.87 -1.23 26.00
N ILE A 73 -29.90 -0.60 24.83
CA ILE A 73 -28.71 -0.07 24.16
C ILE A 73 -28.77 1.46 24.09
N LEU A 74 -27.73 2.13 24.55
CA LEU A 74 -27.72 3.58 24.63
C LEU A 74 -26.66 4.22 23.73
N GLU A 75 -27.03 5.34 23.13
CA GLU A 75 -26.15 6.08 22.24
C GLU A 75 -26.13 7.56 22.63
N VAL A 76 -25.40 7.89 23.69
CA VAL A 76 -25.23 9.29 24.03
C VAL A 76 -23.88 9.74 23.49
N ASN A 77 -23.87 10.81 22.72
CA ASN A 77 -22.62 11.20 22.12
C ASN A 77 -22.22 12.69 22.21
N CYS A 78 -20.93 12.96 22.05
CA CYS A 78 -20.34 14.27 22.23
C CYS A 78 -19.45 14.53 21.04
N GLN A 79 -18.63 15.57 21.08
CA GLN A 79 -17.85 15.89 19.89
C GLN A 79 -16.36 15.57 19.96
N THR A 80 -15.90 15.01 21.07
CA THR A 80 -14.49 14.68 21.20
C THR A 80 -14.20 13.39 21.98
N ASP A 81 -13.25 12.62 21.46
CA ASP A 81 -12.65 11.49 22.15
C ASP A 81 -12.43 11.72 23.65
N PHE A 82 -11.81 12.85 23.98
CA PHE A 82 -11.43 13.16 25.35
C PHE A 82 -12.63 13.29 26.27
N VAL A 83 -13.68 13.93 25.77
CA VAL A 83 -14.91 14.07 26.54
C VAL A 83 -15.52 12.68 26.73
N ALA A 84 -15.57 11.91 25.64
CA ALA A 84 -16.07 10.55 25.68
C ALA A 84 -15.58 9.74 26.86
N LYS A 85 -14.31 9.89 27.23
CA LYS A 85 -13.78 9.09 28.35
C LYS A 85 -13.58 9.89 29.63
N ASP A 86 -14.24 11.04 29.70
CA ASP A 86 -14.19 11.91 30.87
C ASP A 86 -15.17 11.43 31.95
N ALA A 87 -14.76 11.50 33.22
CA ALA A 87 -15.60 11.03 34.32
C ALA A 87 -17.04 11.59 34.29
N GLY A 88 -17.16 12.90 34.11
CA GLY A 88 -18.45 13.57 34.11
C GLY A 88 -19.39 13.09 33.02
N PHE A 89 -18.92 13.10 31.78
CA PHE A 89 -19.69 12.58 30.66
C PHE A 89 -20.04 11.10 30.88
N GLN A 90 -19.11 10.35 31.43
CA GLN A 90 -19.37 8.97 31.79
C GLN A 90 -20.56 8.85 32.73
N ALA A 91 -20.54 9.62 33.82
CA ALA A 91 -21.59 9.57 34.82
C ALA A 91 -22.98 10.03 34.32
N PHE A 92 -22.99 10.98 33.38
CA PHE A 92 -24.23 11.41 32.76
C PHE A 92 -24.80 10.25 31.97
N ALA A 93 -24.00 9.76 31.02
CA ALA A 93 -24.38 8.62 30.20
C ALA A 93 -24.80 7.42 31.04
N ASP A 94 -24.08 7.17 32.13
CA ASP A 94 -24.44 6.06 33.00
C ASP A 94 -25.83 6.25 33.61
N LYS A 95 -26.07 7.44 34.17
CA LYS A 95 -27.39 7.72 34.73
C LYS A 95 -28.50 7.71 33.68
N VAL A 96 -28.31 8.44 32.58
CA VAL A 96 -29.31 8.46 31.51
C VAL A 96 -29.62 7.05 30.98
N LEU A 97 -28.73 6.11 31.28
CA LEU A 97 -28.92 4.70 30.94
C LEU A 97 -29.70 4.02 32.06
N ASP A 98 -29.09 3.92 33.23
CA ASP A 98 -29.74 3.35 34.41
C ASP A 98 -31.20 3.77 34.52
N ALA A 99 -31.44 5.06 34.28
CA ALA A 99 -32.79 5.61 34.36
C ALA A 99 -33.66 5.09 33.22
N ALA A 100 -33.04 4.73 32.10
CA ALA A 100 -33.80 4.18 30.97
C ALA A 100 -34.02 2.67 31.11
N VAL A 101 -33.41 2.07 32.12
CA VAL A 101 -33.59 0.65 32.36
C VAL A 101 -34.78 0.42 33.28
N ALA A 102 -34.61 0.78 34.55
CA ALA A 102 -35.68 0.72 35.55
C ALA A 102 -36.99 1.18 34.89
N GLY A 103 -36.98 2.40 34.38
CA GLY A 103 -38.09 2.86 33.57
C GLY A 103 -37.83 2.42 32.16
N LYS A 104 -38.40 1.27 31.77
CA LYS A 104 -38.21 0.73 30.43
C LYS A 104 -38.57 1.75 29.33
N ILE A 105 -37.67 2.69 29.06
CA ILE A 105 -37.89 3.72 28.06
C ILE A 105 -37.34 3.29 26.70
N THR A 106 -38.02 3.67 25.62
CA THR A 106 -37.53 3.36 24.28
C THR A 106 -37.81 4.56 23.38
N ASP A 107 -38.51 5.54 23.94
CA ASP A 107 -38.84 6.75 23.22
C ASP A 107 -37.71 7.74 23.47
N VAL A 108 -36.93 7.99 22.44
CA VAL A 108 -35.77 8.86 22.57
C VAL A 108 -36.15 10.18 23.26
N GLU A 109 -37.32 10.71 22.92
CA GLU A 109 -37.70 12.04 23.38
C GLU A 109 -38.12 12.13 24.85
N VAL A 110 -38.56 11.03 25.44
CA VAL A 110 -38.91 11.02 26.86
C VAL A 110 -37.72 11.36 27.73
N LEU A 111 -36.67 10.53 27.68
CA LEU A 111 -35.47 10.74 28.49
C LEU A 111 -34.64 11.91 27.95
N LYS A 112 -34.67 12.12 26.64
CA LYS A 112 -34.01 13.27 26.03
C LYS A 112 -34.48 14.56 26.70
N ALA A 113 -35.70 14.53 27.24
CA ALA A 113 -36.24 15.69 27.95
C ALA A 113 -36.17 15.48 29.47
N GLN A 114 -36.32 14.24 29.92
CA GLN A 114 -36.19 13.92 31.34
C GLN A 114 -34.84 14.43 31.88
N PHE A 115 -33.87 14.60 30.98
CA PHE A 115 -32.52 15.03 31.34
C PHE A 115 -32.13 16.37 30.73
N GLU A 116 -33.00 16.92 29.87
CA GLU A 116 -32.68 18.16 29.16
C GLU A 116 -32.15 19.20 30.14
N GLU A 117 -32.67 19.15 31.35
CA GLU A 117 -32.20 20.04 32.41
C GLU A 117 -30.71 19.77 32.69
N GLU A 118 -30.41 18.59 33.23
CA GLU A 118 -29.05 18.22 33.59
C GLU A 118 -28.10 18.14 32.39
N ARG A 119 -28.66 18.23 31.20
CA ARG A 119 -27.85 18.18 29.97
C ARG A 119 -27.20 19.51 29.68
N VAL A 120 -27.84 20.59 30.12
CA VAL A 120 -27.24 21.92 30.00
C VAL A 120 -26.17 22.08 31.07
N ALA A 121 -26.35 21.32 32.15
CA ALA A 121 -25.39 21.29 33.26
C ALA A 121 -24.00 20.97 32.76
N LEU A 122 -23.88 19.88 32.02
CA LEU A 122 -22.60 19.47 31.47
C LEU A 122 -22.18 20.40 30.34
N VAL A 123 -23.03 20.54 29.33
CA VAL A 123 -22.69 21.34 28.17
C VAL A 123 -22.08 22.69 28.57
N ALA A 124 -22.59 23.28 29.64
CA ALA A 124 -21.99 24.48 30.20
C ALA A 124 -20.58 24.14 30.63
N LYS A 125 -20.46 23.28 31.63
CA LYS A 125 -19.16 22.92 32.18
C LYS A 125 -18.14 22.46 31.12
N ILE A 126 -18.51 21.46 30.33
CA ILE A 126 -17.60 20.83 29.38
C ILE A 126 -17.37 21.67 28.12
N GLY A 127 -18.41 22.32 27.64
CA GLY A 127 -18.26 23.21 26.51
C GLY A 127 -18.15 22.46 25.20
N GLU A 128 -18.89 21.36 25.09
CA GLU A 128 -19.05 20.64 23.82
C GLU A 128 -20.51 20.20 23.67
N ASN A 129 -21.03 20.25 22.46
CA ASN A 129 -22.38 19.79 22.19
C ASN A 129 -22.50 18.31 22.50
N ILE A 130 -23.27 17.95 23.53
CA ILE A 130 -23.50 16.52 23.79
C ILE A 130 -24.98 16.20 23.90
N ASN A 131 -25.45 15.27 23.06
CA ASN A 131 -26.88 14.94 22.99
C ASN A 131 -27.14 13.44 22.98
N ILE A 132 -28.21 13.02 23.66
CA ILE A 132 -28.72 11.66 23.50
C ILE A 132 -29.16 11.49 22.05
N ARG A 133 -28.65 10.46 21.36
CA ARG A 133 -28.94 10.33 19.94
C ARG A 133 -30.11 9.41 19.65
N ARG A 134 -30.02 8.20 20.18
CA ARG A 134 -30.98 7.17 19.87
C ARG A 134 -30.97 6.15 20.99
N VAL A 135 -32.12 5.58 21.26
CA VAL A 135 -32.22 4.53 22.24
C VAL A 135 -33.09 3.45 21.66
N ALA A 136 -32.88 2.23 22.12
CA ALA A 136 -33.64 1.09 21.68
C ALA A 136 -33.47 0.04 22.75
N ALA A 137 -34.43 -0.87 22.82
CA ALA A 137 -34.41 -1.90 23.85
C ALA A 137 -34.78 -3.22 23.20
N LEU A 138 -34.41 -4.30 23.87
CA LEU A 138 -34.62 -5.61 23.32
C LEU A 138 -34.89 -6.60 24.44
N GLU A 139 -35.93 -7.41 24.27
CA GLU A 139 -36.15 -8.52 25.19
C GLU A 139 -36.33 -9.83 24.44
N GLY A 140 -35.83 -10.90 25.05
CA GLY A 140 -35.90 -12.23 24.46
C GLY A 140 -35.69 -13.18 25.62
N ASP A 141 -35.79 -14.46 25.35
CA ASP A 141 -35.74 -15.46 26.41
C ASP A 141 -34.38 -15.47 27.14
N VAL A 142 -33.29 -15.62 26.39
CA VAL A 142 -31.94 -15.38 26.93
C VAL A 142 -31.26 -14.31 26.09
N LEU A 143 -30.80 -13.23 26.72
CA LEU A 143 -30.07 -12.21 25.96
C LEU A 143 -28.67 -11.89 26.52
N GLY A 144 -27.84 -11.32 25.66
CA GLY A 144 -26.44 -11.10 25.98
C GLY A 144 -25.92 -9.89 25.24
N SER A 145 -25.06 -9.15 25.92
CA SER A 145 -24.49 -7.92 25.37
C SER A 145 -22.99 -8.07 25.08
N TYR A 146 -22.55 -7.36 24.05
CA TYR A 146 -21.13 -7.16 23.87
C TYR A 146 -20.80 -5.68 23.76
N GLN A 147 -19.73 -5.31 24.47
CA GLN A 147 -19.28 -3.95 24.48
C GLN A 147 -17.84 -3.96 23.96
N HIS A 148 -17.63 -3.36 22.79
CA HIS A 148 -16.30 -3.27 22.22
C HIS A 148 -15.67 -1.92 22.51
N GLY A 149 -15.00 -1.84 23.66
CA GLY A 149 -14.67 -0.54 24.23
C GLY A 149 -15.95 0.28 24.38
N ALA A 150 -15.95 1.48 23.83
CA ALA A 150 -17.10 2.36 23.96
C ALA A 150 -17.70 2.66 22.61
N ARG A 151 -17.15 2.02 21.58
CA ARG A 151 -17.43 2.45 20.22
C ARG A 151 -18.53 1.62 19.56
N ILE A 152 -18.74 0.44 20.11
CA ILE A 152 -19.72 -0.49 19.57
C ILE A 152 -20.31 -1.33 20.68
N GLY A 153 -21.63 -1.35 20.78
CA GLY A 153 -22.30 -2.24 21.70
C GLY A 153 -23.34 -3.03 20.93
N VAL A 154 -23.61 -4.25 21.37
CA VAL A 154 -24.68 -5.03 20.77
C VAL A 154 -25.49 -5.75 21.82
N LEU A 155 -26.79 -5.85 21.55
CA LEU A 155 -27.69 -6.69 22.33
C LEU A 155 -28.14 -7.85 21.44
N VAL A 156 -28.03 -9.06 21.97
CA VAL A 156 -28.49 -10.24 21.24
C VAL A 156 -29.51 -11.02 22.04
N ALA A 157 -30.67 -11.25 21.44
CA ALA A 157 -31.73 -12.03 22.09
C ALA A 157 -31.85 -13.41 21.44
N ALA A 158 -31.64 -14.46 22.23
CA ALA A 158 -31.64 -15.83 21.71
C ALA A 158 -32.44 -16.81 22.55
N LYS A 159 -33.22 -17.64 21.88
CA LYS A 159 -33.94 -18.74 22.50
C LYS A 159 -33.21 -20.06 22.29
N GLY A 160 -32.83 -20.72 23.38
CA GLY A 160 -32.22 -22.04 23.29
C GLY A 160 -30.73 -22.02 23.53
N ALA A 161 -30.17 -20.82 23.68
CA ALA A 161 -28.73 -20.67 23.84
C ALA A 161 -28.37 -20.18 25.24
N ASP A 162 -27.17 -20.59 25.70
CA ASP A 162 -26.70 -20.26 27.03
C ASP A 162 -25.83 -19.00 27.09
N GLU A 163 -25.08 -18.85 28.17
CA GLU A 163 -24.31 -17.63 28.41
C GLU A 163 -23.25 -17.41 27.33
N GLU A 164 -22.39 -18.40 27.12
CA GLU A 164 -21.32 -18.33 26.14
C GLU A 164 -21.86 -18.06 24.73
N LEU A 165 -22.85 -18.83 24.33
CA LEU A 165 -23.40 -18.69 23.00
C LEU A 165 -23.67 -17.23 22.66
N VAL A 166 -24.61 -16.61 23.37
CA VAL A 166 -24.98 -15.23 23.08
C VAL A 166 -23.81 -14.26 23.17
N LYS A 167 -22.94 -14.45 24.16
CA LYS A 167 -21.72 -13.65 24.20
C LYS A 167 -21.06 -13.71 22.82
N HIS A 168 -20.69 -14.92 22.42
CA HIS A 168 -20.02 -15.16 21.14
C HIS A 168 -20.73 -14.59 19.91
N ILE A 169 -22.05 -14.75 19.82
CA ILE A 169 -22.70 -14.23 18.64
C ILE A 169 -23.01 -12.73 18.77
N ALA A 170 -22.88 -12.20 19.98
CA ALA A 170 -22.94 -10.75 20.16
C ALA A 170 -21.62 -10.11 19.66
N MET A 171 -20.50 -10.75 19.98
CA MET A 171 -19.21 -10.43 19.39
C MET A 171 -19.23 -10.50 17.85
N HIS A 172 -19.78 -11.57 17.30
CA HIS A 172 -19.86 -11.67 15.86
C HIS A 172 -20.65 -10.53 15.25
N VAL A 173 -21.78 -10.19 15.87
CA VAL A 173 -22.59 -9.08 15.36
C VAL A 173 -21.80 -7.78 15.41
N ALA A 174 -20.98 -7.66 16.46
CA ALA A 174 -20.08 -6.53 16.61
C ALA A 174 -19.10 -6.46 15.46
N ALA A 175 -18.47 -7.58 15.11
CA ALA A 175 -17.52 -7.63 14.00
C ALA A 175 -18.14 -7.58 12.60
N SER A 176 -19.28 -8.23 12.41
CA SER A 176 -19.72 -8.52 11.05
C SER A 176 -21.00 -7.81 10.57
N LYS A 177 -21.34 -6.70 11.22
CA LYS A 177 -22.51 -5.86 10.87
C LYS A 177 -23.64 -6.51 10.05
N PRO A 178 -24.23 -7.61 10.56
CA PRO A 178 -25.37 -8.21 9.86
C PRO A 178 -26.63 -7.36 10.00
N GLU A 179 -27.20 -6.90 8.89
CA GLU A 179 -28.39 -6.06 8.96
C GLU A 179 -29.71 -6.85 9.08
N PHE A 180 -29.62 -8.18 9.06
CA PHE A 180 -30.81 -9.02 9.14
C PHE A 180 -30.46 -10.35 9.80
N ILE A 181 -31.42 -10.94 10.50
CA ILE A 181 -31.14 -12.18 11.20
C ILE A 181 -31.17 -13.42 10.29
N LYS A 182 -31.90 -13.33 9.17
CA LYS A 182 -32.08 -14.47 8.26
C LYS A 182 -32.22 -14.00 6.81
N PRO A 183 -31.65 -14.76 5.86
CA PRO A 183 -31.64 -14.32 4.45
C PRO A 183 -33.02 -13.95 3.90
N GLU A 184 -34.08 -14.40 4.58
CA GLU A 184 -35.44 -14.19 4.07
C GLU A 184 -36.06 -12.96 4.71
N ASP A 185 -35.59 -12.63 5.92
CA ASP A 185 -36.03 -11.44 6.63
C ASP A 185 -35.90 -10.21 5.75
N VAL A 186 -35.02 -10.28 4.76
CA VAL A 186 -34.67 -9.11 3.96
C VAL A 186 -35.86 -8.48 3.24
N SER A 187 -35.90 -7.16 3.28
CA SER A 187 -36.98 -6.39 2.69
C SER A 187 -37.25 -6.87 1.28
N ALA A 188 -38.29 -7.69 1.12
CA ALA A 188 -38.65 -8.22 -0.19
C ALA A 188 -38.88 -7.08 -1.18
N GLU A 189 -38.56 -5.86 -0.75
CA GLU A 189 -38.61 -4.69 -1.62
C GLU A 189 -37.21 -4.34 -2.11
N VAL A 190 -36.31 -4.03 -1.17
CA VAL A 190 -34.92 -3.68 -1.50
C VAL A 190 -34.35 -4.68 -2.50
N VAL A 191 -34.75 -5.95 -2.32
CA VAL A 191 -34.32 -7.06 -3.15
C VAL A 191 -35.15 -7.15 -4.43
N GLU A 192 -36.41 -6.71 -4.38
CA GLU A 192 -37.28 -6.80 -5.55
C GLU A 192 -36.76 -5.93 -6.71
N LYS A 193 -36.53 -4.64 -6.45
CA LYS A 193 -36.04 -3.69 -7.47
C LYS A 193 -34.57 -3.90 -7.79
N GLU A 194 -33.84 -4.47 -6.84
CA GLU A 194 -32.43 -4.80 -7.03
C GLU A 194 -32.21 -5.89 -8.11
N TYR A 195 -33.18 -6.81 -8.20
CA TYR A 195 -33.17 -7.89 -9.18
C TYR A 195 -33.69 -7.44 -10.54
N GLN A 196 -34.39 -6.30 -10.54
CA GLN A 196 -34.86 -5.70 -11.78
C GLN A 196 -33.84 -4.71 -12.34
N VAL A 197 -32.98 -4.18 -11.47
CA VAL A 197 -31.89 -3.29 -11.89
C VAL A 197 -30.68 -4.07 -12.40
N GLN A 198 -30.32 -5.12 -11.67
CA GLN A 198 -29.16 -5.97 -12.01
C GLN A 198 -29.43 -6.86 -13.21
N LEU A 199 -30.72 -7.06 -13.51
CA LEU A 199 -31.14 -7.92 -14.63
C LEU A 199 -30.97 -7.25 -16.00
N ASP A 200 -30.57 -5.99 -16.01
CA ASP A 200 -30.24 -5.29 -17.25
C ASP A 200 -28.72 -5.13 -17.39
N ILE A 201 -28.09 -4.57 -16.37
CA ILE A 201 -26.63 -4.39 -16.31
C ILE A 201 -25.94 -5.49 -17.11
N ALA A 202 -26.42 -6.71 -16.90
CA ALA A 202 -25.88 -7.89 -17.54
C ALA A 202 -26.65 -8.30 -18.81
N MET A 203 -27.95 -8.00 -18.85
CA MET A 203 -28.75 -8.26 -20.05
C MET A 203 -28.36 -7.31 -21.20
N GLN A 204 -27.65 -6.24 -20.85
CA GLN A 204 -27.13 -5.28 -21.84
C GLN A 204 -25.80 -5.74 -22.43
N SER A 205 -25.14 -6.69 -21.76
CA SER A 205 -23.96 -7.38 -22.31
C SER A 205 -24.36 -8.12 -23.58
N GLY A 206 -25.65 -8.46 -23.69
CA GLY A 206 -26.12 -9.29 -24.77
C GLY A 206 -26.41 -10.68 -24.24
N LYS A 207 -26.17 -10.87 -22.93
CA LYS A 207 -26.45 -12.14 -22.28
C LYS A 207 -27.93 -12.47 -22.40
N PRO A 208 -28.24 -13.60 -23.08
CA PRO A 208 -29.61 -14.16 -23.20
C PRO A 208 -30.37 -14.20 -21.87
N LYS A 209 -31.70 -14.09 -21.94
CA LYS A 209 -32.54 -13.90 -20.75
C LYS A 209 -32.08 -14.75 -19.57
N GLU A 210 -32.34 -16.05 -19.67
CA GLU A 210 -32.05 -17.01 -18.60
C GLU A 210 -30.58 -17.00 -18.13
N ILE A 211 -29.67 -16.57 -19.00
CA ILE A 211 -28.26 -16.44 -18.62
C ILE A 211 -28.10 -15.33 -17.61
N ALA A 212 -28.59 -14.14 -17.95
CA ALA A 212 -28.47 -13.03 -17.03
C ALA A 212 -29.44 -13.20 -15.86
N GLU A 213 -30.49 -13.99 -16.07
CA GLU A 213 -31.43 -14.27 -15.00
C GLU A 213 -30.78 -15.20 -13.98
N LYS A 214 -30.19 -16.29 -14.46
CA LYS A 214 -29.58 -17.26 -13.56
C LYS A 214 -28.43 -16.62 -12.79
N MET A 215 -27.73 -15.69 -13.43
CA MET A 215 -26.61 -15.04 -12.80
C MET A 215 -27.04 -14.03 -11.72
N VAL A 216 -28.01 -13.18 -12.04
CA VAL A 216 -28.55 -12.24 -11.06
C VAL A 216 -29.11 -13.00 -9.87
N GLU A 217 -29.88 -14.04 -10.15
CA GLU A 217 -30.42 -14.85 -9.06
C GLU A 217 -29.29 -15.24 -8.11
N GLY A 218 -28.28 -15.92 -8.66
CA GLY A 218 -27.11 -16.36 -7.93
C GLY A 218 -26.46 -15.31 -7.04
N ARG A 219 -26.14 -14.14 -7.62
CA ARG A 219 -25.61 -13.05 -6.81
C ARG A 219 -26.46 -12.83 -5.57
N MET A 220 -27.70 -12.37 -5.78
CA MET A 220 -28.63 -12.08 -4.69
C MET A 220 -28.80 -13.23 -3.71
N LYS A 221 -28.50 -14.45 -4.12
CA LYS A 221 -28.51 -15.53 -3.14
C LYS A 221 -27.39 -15.28 -2.11
N LYS A 222 -26.23 -14.90 -2.62
CA LYS A 222 -25.11 -14.49 -1.78
C LYS A 222 -25.40 -13.12 -1.16
N PHE A 223 -25.48 -12.09 -2.01
CA PHE A 223 -25.92 -10.75 -1.62
C PHE A 223 -26.76 -10.74 -0.33
N THR A 224 -27.79 -11.57 -0.25
CA THR A 224 -28.62 -11.63 0.95
C THR A 224 -28.04 -12.50 2.04
N GLY A 225 -27.41 -13.61 1.65
CA GLY A 225 -26.77 -14.49 2.63
C GLY A 225 -25.70 -13.74 3.42
N GLU A 226 -25.07 -12.76 2.76
CA GLU A 226 -23.90 -12.06 3.30
C GLU A 226 -24.26 -11.01 4.36
N VAL A 227 -25.32 -10.25 4.10
CA VAL A 227 -25.80 -9.25 5.04
C VAL A 227 -26.75 -9.86 6.09
N SER A 228 -26.64 -11.17 6.31
CA SER A 228 -27.56 -11.88 7.21
C SER A 228 -26.83 -12.78 8.20
N LEU A 229 -27.15 -12.62 9.48
CA LEU A 229 -26.47 -13.35 10.54
C LEU A 229 -26.34 -14.83 10.20
N THR A 230 -27.42 -15.39 9.67
CA THR A 230 -27.50 -16.81 9.31
C THR A 230 -26.40 -17.23 8.35
N GLY A 231 -26.32 -16.54 7.22
CA GLY A 231 -25.36 -16.88 6.18
C GLY A 231 -24.05 -16.12 6.26
N GLN A 232 -23.59 -15.89 7.49
CA GLN A 232 -22.27 -15.29 7.71
C GLN A 232 -21.34 -16.30 8.35
N PRO A 233 -20.12 -16.42 7.82
CA PRO A 233 -19.15 -17.28 8.48
C PRO A 233 -18.92 -16.79 9.90
N PHE A 234 -19.18 -17.67 10.86
CA PHE A 234 -19.07 -17.33 12.26
C PHE A 234 -17.68 -16.82 12.52
N VAL A 235 -17.60 -15.62 13.09
CA VAL A 235 -16.34 -14.92 13.30
C VAL A 235 -15.31 -15.67 14.15
N MET A 236 -15.75 -16.54 15.06
CA MET A 236 -14.83 -17.35 15.86
C MET A 236 -14.64 -18.72 15.24
N GLU A 237 -15.19 -18.91 14.04
CA GLU A 237 -15.15 -20.19 13.35
C GLU A 237 -15.62 -20.09 11.91
N PRO A 238 -14.84 -19.40 11.07
CA PRO A 238 -15.30 -18.97 9.73
C PRO A 238 -15.61 -20.12 8.77
N SER A 239 -15.23 -21.34 9.10
CA SER A 239 -15.55 -22.49 8.25
C SER A 239 -17.05 -22.75 8.21
N LYS A 240 -17.73 -22.63 9.35
CA LYS A 240 -19.19 -22.74 9.38
C LYS A 240 -19.85 -21.39 9.61
N THR A 241 -21.11 -21.27 9.21
CA THR A 241 -21.82 -20.01 9.39
C THR A 241 -22.53 -19.96 10.75
N VAL A 242 -23.04 -18.78 11.08
CA VAL A 242 -23.76 -18.58 12.32
C VAL A 242 -25.04 -19.42 12.26
N GLY A 243 -25.68 -19.40 11.10
CA GLY A 243 -26.82 -20.26 10.86
C GLY A 243 -26.54 -21.68 11.31
N GLN A 244 -25.47 -22.29 10.78
CA GLN A 244 -25.12 -23.67 11.10
C GLN A 244 -24.69 -23.82 12.56
N LEU A 245 -24.10 -22.76 13.11
CA LEU A 245 -23.68 -22.78 14.51
C LEU A 245 -24.89 -22.83 15.42
N LEU A 246 -25.88 -22.00 15.09
CA LEU A 246 -27.13 -21.98 15.81
C LEU A 246 -27.76 -23.37 15.80
N LYS A 247 -27.96 -23.91 14.60
CA LYS A 247 -28.60 -25.21 14.43
C LYS A 247 -27.87 -26.35 15.17
N GLU A 248 -26.63 -26.10 15.58
CA GLU A 248 -25.87 -27.09 16.34
C GLU A 248 -26.12 -27.03 17.84
N HIS A 249 -26.81 -25.98 18.28
CA HIS A 249 -27.21 -25.86 19.68
C HIS A 249 -28.72 -25.76 19.74
N ASN A 250 -29.36 -26.38 18.73
CA ASN A 250 -30.80 -26.31 18.50
C ASN A 250 -31.46 -25.04 19.03
N ALA A 251 -30.74 -23.93 18.88
CA ALA A 251 -31.18 -22.63 19.37
C ALA A 251 -31.41 -21.64 18.23
N GLU A 252 -31.76 -20.41 18.60
CA GLU A 252 -32.08 -19.39 17.62
C GLU A 252 -32.02 -17.98 18.24
N VAL A 253 -31.84 -16.97 17.39
CA VAL A 253 -31.80 -15.59 17.85
C VAL A 253 -33.12 -14.90 17.52
N THR A 254 -33.86 -14.52 18.55
CA THR A 254 -35.13 -13.84 18.33
C THR A 254 -34.91 -12.44 17.75
N GLY A 255 -33.65 -11.95 17.82
CA GLY A 255 -33.29 -10.66 17.29
C GLY A 255 -32.03 -10.07 17.92
N PHE A 256 -31.56 -8.94 17.37
CA PHE A 256 -30.32 -8.31 17.84
C PHE A 256 -30.29 -6.80 17.57
N ILE A 257 -29.44 -6.09 18.33
CA ILE A 257 -29.17 -4.68 18.04
C ILE A 257 -27.68 -4.39 18.14
N ARG A 258 -27.18 -3.57 17.22
CA ARG A 258 -25.82 -3.01 17.33
C ARG A 258 -25.79 -1.55 16.92
N PHE A 259 -25.40 -0.72 17.90
CA PHE A 259 -25.16 0.70 17.69
C PHE A 259 -23.65 0.91 17.58
N GLU A 260 -23.25 1.81 16.69
CA GLU A 260 -21.86 2.26 16.63
C GLU A 260 -21.74 3.79 16.69
N VAL A 261 -20.94 4.29 17.63
CA VAL A 261 -20.79 5.73 17.82
C VAL A 261 -20.69 6.48 16.51
N GLY A 262 -21.57 7.44 16.31
CA GLY A 262 -21.48 8.36 15.20
C GLY A 262 -21.76 7.77 13.82
N GLU A 263 -22.35 6.58 13.78
CA GLU A 263 -22.88 6.05 12.53
C GLU A 263 -23.79 7.08 11.84
N GLY A 264 -23.66 7.22 10.54
CA GLY A 264 -24.58 8.06 9.78
C GLY A 264 -24.43 9.56 9.98
N ILE A 265 -23.85 9.96 11.10
CA ILE A 265 -23.49 11.36 11.31
C ILE A 265 -22.49 11.75 10.22
N GLU A 266 -22.63 12.97 9.70
CA GLU A 266 -21.87 13.41 8.54
C GLU A 266 -20.35 13.30 8.74
N LYS A 267 -19.88 13.74 9.91
CA LYS A 267 -18.47 13.63 10.30
C LYS A 267 -17.55 14.41 9.36
N VAL A 268 -17.39 15.70 9.64
CA VAL A 268 -16.66 16.62 8.76
C VAL A 268 -15.14 16.43 8.80
N GLU A 269 -14.51 16.44 7.62
CA GLU A 269 -13.06 16.33 7.52
C GLU A 269 -12.40 17.61 8.03
N THR A 270 -11.23 17.45 8.65
CA THR A 270 -10.48 18.60 9.15
C THR A 270 -9.05 18.58 8.62
N ASP A 271 -8.61 19.70 8.06
CA ASP A 271 -7.24 19.79 7.58
C ASP A 271 -6.49 20.87 8.35
N PHE A 272 -5.73 20.44 9.35
CA PHE A 272 -5.00 21.36 10.23
C PHE A 272 -4.00 22.28 9.52
N ALA A 273 -3.07 21.69 8.76
CA ALA A 273 -2.09 22.49 8.04
C ALA A 273 -2.77 23.64 7.30
N ALA A 274 -3.38 23.35 6.15
CA ALA A 274 -4.09 24.39 5.39
C ALA A 274 -4.86 25.32 6.32
N GLU A 275 -5.70 24.73 7.15
CA GLU A 275 -6.50 25.44 8.14
C GLU A 275 -5.80 26.63 8.79
N VAL A 276 -4.52 26.45 9.13
CA VAL A 276 -3.79 27.51 9.80
C VAL A 276 -3.52 28.62 8.81
N ALA A 277 -3.02 28.25 7.64
CA ALA A 277 -2.70 29.20 6.58
C ALA A 277 -3.91 30.08 6.27
N ALA A 278 -5.08 29.64 6.70
CA ALA A 278 -6.32 30.41 6.52
C ALA A 278 -6.37 31.60 7.47
N MET A 279 -5.76 31.46 8.64
CA MET A 279 -5.73 32.53 9.63
C MET A 279 -4.49 33.41 9.45
N SER A 280 -3.36 32.78 9.07
CA SER A 280 -2.15 33.52 8.78
C SER A 280 -2.24 34.22 7.42
N LYS A 281 -3.45 34.26 6.86
CA LYS A 281 -3.71 34.96 5.61
C LYS A 281 -4.14 36.38 5.90
N GLN A 282 -5.24 36.52 6.64
CA GLN A 282 -5.72 37.84 7.02
C GLN A 282 -4.66 38.72 7.67
N SER A 283 -3.53 38.13 8.04
CA SER A 283 -2.45 38.90 8.68
C SER A 283 -1.21 39.09 7.80
N HIS A 284 -0.81 38.04 7.09
CA HIS A 284 0.36 38.13 6.22
C HIS A 284 0.16 39.18 5.11
N MET A 285 -1.08 39.33 4.66
CA MET A 285 -1.44 40.40 3.73
C MET A 285 -1.60 41.68 4.53
N SER A 286 -2.04 41.52 5.78
CA SER A 286 -2.25 42.63 6.72
C SER A 286 -3.54 43.40 6.39
N PHE A 290 24.36 29.87 5.97
CA PHE A 290 23.39 28.80 5.78
C PHE A 290 23.45 27.81 6.95
N GLU A 291 22.37 27.78 7.73
CA GLU A 291 22.27 26.90 8.91
C GLU A 291 21.36 25.69 8.61
N ARG A 292 21.92 24.71 7.90
CA ARG A 292 21.14 23.57 7.38
C ARG A 292 21.31 22.33 8.27
N THR A 293 22.13 22.46 9.30
CA THR A 293 22.42 21.36 10.22
C THR A 293 21.54 21.45 11.46
N LYS A 294 20.66 22.44 11.50
CA LYS A 294 19.86 22.70 12.70
C LYS A 294 18.91 21.54 12.97
N PRO A 295 18.67 21.26 14.26
CA PRO A 295 17.90 20.09 14.65
C PRO A 295 16.42 20.29 14.40
N HIS A 296 15.72 19.19 14.08
CA HIS A 296 14.28 19.22 13.87
C HIS A 296 13.60 18.77 15.16
N VAL A 297 12.59 19.51 15.58
CA VAL A 297 11.85 19.18 16.79
C VAL A 297 10.36 19.06 16.50
N ASN A 298 9.75 17.96 16.96
CA ASN A 298 8.33 17.78 16.75
C ASN A 298 7.54 18.19 17.96
N VAL A 299 6.62 19.12 17.78
CA VAL A 299 5.80 19.54 18.89
C VAL A 299 4.35 19.32 18.58
N GLY A 300 3.54 19.26 19.63
CA GLY A 300 2.13 19.02 19.47
C GLY A 300 1.31 20.05 20.19
N THR A 301 0.17 20.41 19.63
CA THR A 301 -0.76 21.32 20.25
C THR A 301 -1.93 20.47 20.75
N ILE A 302 -2.40 20.74 21.96
CA ILE A 302 -3.46 19.94 22.56
C ILE A 302 -4.29 20.73 23.55
N GLY A 303 -5.61 20.62 23.48
CA GLY A 303 -6.46 21.36 24.40
C GLY A 303 -7.92 21.36 24.01
N HIS A 304 -8.68 22.31 24.55
CA HIS A 304 -10.09 22.42 24.21
C HIS A 304 -10.31 23.03 22.83
N VAL A 305 -11.21 22.43 22.06
CA VAL A 305 -11.42 22.76 20.65
C VAL A 305 -11.38 24.24 20.33
N ASP A 306 -12.23 25.01 21.01
CA ASP A 306 -12.33 26.44 20.71
C ASP A 306 -11.57 27.34 21.69
N HIS A 307 -10.81 26.74 22.61
CA HIS A 307 -9.81 27.47 23.38
C HIS A 307 -8.74 28.04 22.45
N GLY A 308 -8.83 27.64 21.17
CA GLY A 308 -8.08 28.28 20.10
C GLY A 308 -6.68 27.78 19.88
N LYS A 309 -6.46 26.48 20.02
CA LYS A 309 -5.14 25.94 19.72
C LYS A 309 -4.81 26.20 18.26
N THR A 310 -5.86 26.40 17.47
CA THR A 310 -5.72 26.79 16.08
C THR A 310 -5.12 28.19 15.93
N THR A 311 -5.78 29.17 16.55
CA THR A 311 -5.39 30.56 16.46
C THR A 311 -3.94 30.74 16.91
N LEU A 312 -3.54 29.94 17.90
CA LEU A 312 -2.19 30.02 18.45
C LEU A 312 -1.15 29.56 17.44
N THR A 313 -1.37 28.39 16.88
CA THR A 313 -0.44 27.84 15.91
C THR A 313 -0.27 28.85 14.77
N ALA A 314 -1.34 29.57 14.45
CA ALA A 314 -1.28 30.64 13.48
C ALA A 314 -0.37 31.76 13.97
N ALA A 315 -0.72 32.33 15.12
CA ALA A 315 0.13 33.36 15.73
C ALA A 315 1.59 32.91 15.80
N ILE A 316 1.84 31.66 16.16
CA ILE A 316 3.22 31.20 16.24
C ILE A 316 3.90 31.35 14.89
N THR A 317 3.23 30.88 13.84
CA THR A 317 3.86 30.81 12.52
C THR A 317 4.17 32.17 11.93
N THR A 318 3.23 33.10 12.03
CA THR A 318 3.43 34.42 11.48
C THR A 318 4.60 35.09 12.20
N VAL A 319 4.40 35.31 13.50
CA VAL A 319 5.36 36.02 14.37
C VAL A 319 6.77 35.43 14.30
N LEU A 320 6.85 34.12 14.10
CA LEU A 320 8.14 33.41 14.12
C LEU A 320 8.92 33.51 12.80
N ALA A 321 8.26 34.00 11.75
CA ALA A 321 8.94 34.23 10.48
C ALA A 321 8.95 35.73 10.23
N LYS A 322 7.92 36.41 10.74
CA LYS A 322 7.85 37.86 10.75
C LYS A 322 9.05 38.45 11.48
N THR A 323 9.47 37.79 12.55
CA THR A 323 10.68 38.18 13.28
C THR A 323 11.91 37.50 12.68
N TYR A 324 12.15 36.25 13.07
CA TYR A 324 13.34 35.52 12.64
C TYR A 324 13.32 35.15 11.15
N GLY A 325 13.99 34.04 10.82
CA GLY A 325 14.08 33.58 9.46
C GLY A 325 12.73 33.37 8.78
N GLY A 326 12.76 32.65 7.65
CA GLY A 326 11.55 32.40 6.87
C GLY A 326 11.16 30.94 6.86
N ASN A 348 5.19 14.36 10.19
CA ASN A 348 4.70 14.07 8.84
C ASN A 348 3.16 14.05 8.76
N THR A 349 2.63 14.32 7.57
CA THR A 349 1.18 14.32 7.31
C THR A 349 0.43 15.48 7.97
N SER A 350 0.00 16.45 7.15
CA SER A 350 -0.68 17.67 7.62
C SER A 350 -0.09 18.24 8.92
N HIS A 351 1.05 18.90 8.78
CA HIS A 351 1.75 19.47 9.90
C HIS A 351 2.37 20.79 9.48
N VAL A 352 1.87 21.90 10.03
CA VAL A 352 2.54 23.17 9.80
C VAL A 352 3.97 23.12 10.35
N GLU A 353 4.84 24.01 9.91
CA GLU A 353 6.19 24.04 10.46
C GLU A 353 6.78 25.42 10.47
N TYR A 354 7.46 25.75 11.56
CA TYR A 354 8.06 27.06 11.72
C TYR A 354 9.48 27.00 12.21
N ASP A 355 10.22 28.07 11.94
CA ASP A 355 11.64 28.13 12.25
C ASP A 355 11.97 29.11 13.37
N THR A 356 12.97 28.72 14.17
CA THR A 356 13.46 29.50 15.29
C THR A 356 14.95 29.70 15.04
N PRO A 357 15.51 30.83 15.49
CA PRO A 357 16.92 31.11 15.18
C PRO A 357 17.82 29.88 15.32
N THR A 358 17.48 28.95 16.21
CA THR A 358 18.38 27.82 16.44
C THR A 358 17.80 26.44 16.12
N ARG A 359 16.48 26.37 15.90
CA ARG A 359 15.85 25.07 15.73
C ARG A 359 14.75 25.09 14.67
N HIS A 360 14.44 23.91 14.13
CA HIS A 360 13.34 23.79 13.19
C HIS A 360 12.18 22.97 13.74
N TYR A 361 10.99 23.55 13.77
CA TYR A 361 9.85 22.85 14.37
C TYR A 361 8.81 22.32 13.36
N ALA A 362 8.40 21.07 13.56
CA ALA A 362 7.18 20.54 12.96
C ALA A 362 6.13 20.38 14.06
N HIS A 363 4.90 20.76 13.76
CA HIS A 363 3.85 20.92 14.75
C HIS A 363 2.54 20.29 14.29
N VAL A 364 2.03 19.33 15.05
CA VAL A 364 0.73 18.71 14.75
C VAL A 364 -0.34 19.01 15.79
N ASP A 365 -1.61 18.96 15.37
CA ASP A 365 -2.71 19.10 16.31
C ASP A 365 -3.09 17.72 16.82
N CYS A 366 -3.29 17.57 18.13
CA CYS A 366 -3.77 16.30 18.69
C CYS A 366 -5.28 16.35 18.97
N PRO A 367 -6.10 16.24 17.91
CA PRO A 367 -7.55 16.40 18.00
C PRO A 367 -8.25 15.25 18.77
N GLY A 368 -7.71 14.05 18.69
CA GLY A 368 -8.29 12.92 19.39
C GLY A 368 -7.27 12.01 20.04
N HIS A 369 -7.73 11.26 21.03
CA HIS A 369 -6.89 10.36 21.80
C HIS A 369 -6.53 9.10 21.01
N ALA A 370 -7.52 8.48 20.37
CA ALA A 370 -7.21 7.26 19.61
C ALA A 370 -6.41 7.61 18.36
N ASP A 371 -6.66 8.79 17.79
CA ASP A 371 -5.91 9.20 16.61
C ASP A 371 -4.44 9.38 16.93
N TYR A 372 -4.14 10.06 18.02
CA TYR A 372 -2.74 10.25 18.37
C TYR A 372 -2.03 8.94 18.69
N VAL A 373 -2.63 8.12 19.54
CA VAL A 373 -2.05 6.84 19.89
C VAL A 373 -1.70 6.04 18.64
N LYS A 374 -2.57 6.10 17.64
CA LYS A 374 -2.34 5.43 16.38
C LYS A 374 -1.09 5.99 15.75
N ASN A 375 -1.06 7.30 15.50
CA ASN A 375 0.12 7.95 14.90
C ASN A 375 1.43 7.78 15.69
N MET A 376 1.35 7.72 17.00
CA MET A 376 2.54 7.43 17.80
C MET A 376 3.07 6.02 17.54
N ILE A 377 2.17 5.03 17.50
CA ILE A 377 2.57 3.63 17.27
C ILE A 377 3.11 3.52 15.87
N THR A 378 2.27 3.92 14.93
CA THR A 378 2.54 3.82 13.52
C THR A 378 3.85 4.56 13.19
N GLY A 379 4.27 5.46 14.06
CA GLY A 379 5.47 6.26 13.82
C GLY A 379 5.25 7.49 12.95
N ALA A 380 4.06 7.60 12.35
CA ALA A 380 3.72 8.73 11.50
C ALA A 380 3.59 10.05 12.28
N ALA A 381 4.03 10.06 13.53
CA ALA A 381 4.12 11.28 14.35
C ALA A 381 4.41 11.04 15.84
N GLN A 382 5.67 10.79 16.18
CA GLN A 382 6.09 10.81 17.58
C GLN A 382 6.10 12.29 18.00
N MET A 383 6.49 12.57 19.23
CA MET A 383 6.48 13.96 19.69
C MET A 383 7.48 14.24 20.79
N ASP A 384 8.25 15.31 20.62
CA ASP A 384 9.33 15.62 21.56
C ASP A 384 8.81 16.39 22.77
N GLY A 385 7.82 17.22 22.53
CA GLY A 385 7.15 17.98 23.56
C GLY A 385 5.80 18.43 23.06
N ALA A 386 4.85 18.63 23.96
CA ALA A 386 3.55 19.15 23.57
C ALA A 386 3.34 20.50 24.20
N ILE A 387 2.40 21.26 23.67
CA ILE A 387 1.97 22.46 24.36
C ILE A 387 0.48 22.44 24.64
N LEU A 388 0.14 22.51 25.92
CA LEU A 388 -1.25 22.47 26.36
C LEU A 388 -1.82 23.87 26.33
N VAL A 389 -2.95 24.01 25.65
CA VAL A 389 -3.56 25.30 25.41
C VAL A 389 -4.88 25.44 26.19
N VAL A 390 -4.84 26.18 27.28
CA VAL A 390 -6.08 26.48 27.97
C VAL A 390 -6.34 27.98 27.95
N ALA A 391 -7.61 28.33 27.76
CA ALA A 391 -8.01 29.73 27.77
C ALA A 391 -8.23 30.15 29.21
N ALA A 392 -7.60 31.26 29.60
CA ALA A 392 -7.77 31.80 30.94
C ALA A 392 -9.19 32.30 31.17
N THR A 393 -9.89 32.56 30.07
CA THR A 393 -11.30 32.92 30.13
C THR A 393 -12.09 31.84 30.86
N ASP A 394 -11.78 30.57 30.57
CA ASP A 394 -12.50 29.47 31.19
C ASP A 394 -11.67 28.77 32.27
N GLY A 395 -10.41 28.50 31.97
CA GLY A 395 -9.56 27.72 32.85
C GLY A 395 -9.61 26.26 32.43
N PRO A 396 -8.88 25.39 33.12
CA PRO A 396 -8.98 23.96 32.78
C PRO A 396 -10.43 23.52 32.61
N MET A 397 -10.70 22.70 31.62
CA MET A 397 -12.05 22.14 31.52
C MET A 397 -11.97 20.85 32.29
N PRO A 398 -13.11 20.16 32.43
CA PRO A 398 -13.02 18.83 33.05
C PRO A 398 -12.19 17.85 32.20
N GLN A 399 -12.32 17.90 30.88
CA GLN A 399 -11.63 16.97 29.99
C GLN A 399 -10.17 17.35 29.80
N THR A 400 -9.78 18.46 30.42
CA THR A 400 -8.39 18.89 30.39
C THR A 400 -7.52 17.79 31.00
N ARG A 401 -8.09 17.01 31.91
CA ARG A 401 -7.31 15.95 32.52
C ARG A 401 -7.01 14.83 31.53
N GLU A 402 -7.90 14.64 30.56
CA GLU A 402 -7.70 13.59 29.57
C GLU A 402 -6.62 14.04 28.58
N HIS A 403 -6.60 15.33 28.27
CA HIS A 403 -5.50 15.89 27.46
C HIS A 403 -4.16 15.51 28.08
N ILE A 404 -4.00 15.86 29.35
CA ILE A 404 -2.78 15.55 30.07
C ILE A 404 -2.55 14.04 30.19
N LEU A 405 -3.61 13.33 30.54
CA LEU A 405 -3.56 11.88 30.62
C LEU A 405 -3.07 11.25 29.30
N LEU A 406 -3.53 11.80 28.18
CA LEU A 406 -3.02 11.37 26.88
C LEU A 406 -1.50 11.56 26.87
N GLY A 407 -1.05 12.76 27.21
CA GLY A 407 0.36 13.06 27.26
C GLY A 407 1.13 12.08 28.11
N ARG A 408 0.57 11.74 29.27
CA ARG A 408 1.22 10.79 30.17
C ARG A 408 1.28 9.40 29.56
N GLN A 409 0.17 8.95 28.97
CA GLN A 409 0.07 7.59 28.41
C GLN A 409 0.91 7.37 27.14
N VAL A 410 1.09 8.43 26.37
CA VAL A 410 1.87 8.34 25.13
C VAL A 410 3.34 8.72 25.37
N GLY A 411 3.64 9.09 26.62
CA GLY A 411 4.99 9.39 27.05
C GLY A 411 5.60 10.67 26.50
N VAL A 412 4.79 11.69 26.24
CA VAL A 412 5.37 12.97 25.86
C VAL A 412 6.37 13.33 26.95
N PRO A 413 7.60 13.69 26.56
CA PRO A 413 8.60 13.94 27.60
C PRO A 413 8.32 15.24 28.36
N TYR A 414 7.84 16.25 27.64
CA TYR A 414 7.69 17.58 28.19
C TYR A 414 6.42 18.26 27.73
N ILE A 415 5.75 18.93 28.66
CA ILE A 415 4.54 19.68 28.35
C ILE A 415 4.71 21.13 28.79
N ILE A 416 4.58 22.04 27.84
CA ILE A 416 4.56 23.47 28.10
C ILE A 416 3.11 23.91 28.05
N VAL A 417 2.77 24.92 28.85
CA VAL A 417 1.41 25.46 28.81
C VAL A 417 1.34 26.86 28.20
N PHE A 418 0.44 27.04 27.25
CA PHE A 418 0.14 28.38 26.77
C PHE A 418 -1.22 28.79 27.28
N LEU A 419 -1.21 29.68 28.27
CA LEU A 419 -2.42 30.32 28.78
C LEU A 419 -2.91 31.34 27.76
N ASN A 420 -4.09 31.11 27.19
CA ASN A 420 -4.58 31.97 26.11
C ASN A 420 -5.79 32.83 26.48
N LYS A 421 -6.04 33.84 25.66
CA LYS A 421 -7.17 34.75 25.84
C LYS A 421 -7.13 35.45 27.19
N CYS A 422 -5.99 36.07 27.51
CA CYS A 422 -5.79 36.70 28.82
C CYS A 422 -6.24 38.17 28.86
N ASP A 423 -6.19 38.82 27.69
CA ASP A 423 -6.64 40.20 27.54
C ASP A 423 -8.07 40.39 28.03
N MET A 424 -8.78 39.28 28.18
CA MET A 424 -10.16 39.28 28.60
C MET A 424 -10.26 38.88 30.07
N VAL A 425 -9.19 39.15 30.82
CA VAL A 425 -9.18 38.87 32.26
C VAL A 425 -8.84 40.12 33.07
N ASP A 426 -9.88 40.79 33.54
CA ASP A 426 -9.75 42.03 34.32
C ASP A 426 -8.66 41.94 35.39
N ASP A 427 -8.83 40.98 36.30
CA ASP A 427 -7.97 40.83 37.46
C ASP A 427 -6.86 39.84 37.15
N GLU A 428 -5.61 40.31 37.21
CA GLU A 428 -4.45 39.44 37.03
C GLU A 428 -4.30 38.47 38.22
N GLU A 429 -5.10 38.69 39.26
CA GLU A 429 -5.10 37.82 40.42
C GLU A 429 -5.92 36.59 40.08
N LEU A 430 -6.61 36.68 38.95
CA LEU A 430 -7.49 35.61 38.49
C LEU A 430 -6.76 34.71 37.50
N LEU A 431 -5.74 35.27 36.87
CA LEU A 431 -4.79 34.46 36.13
C LEU A 431 -3.95 33.67 37.12
N GLU A 432 -3.57 34.29 38.23
CA GLU A 432 -2.81 33.61 39.27
C GLU A 432 -3.57 32.34 39.66
N LEU A 433 -4.88 32.36 39.43
CA LEU A 433 -5.76 31.29 39.84
C LEU A 433 -5.82 30.13 38.85
N VAL A 434 -5.93 30.46 37.57
CA VAL A 434 -5.99 29.45 36.53
C VAL A 434 -4.67 28.70 36.44
N GLU A 435 -3.59 29.46 36.35
CA GLU A 435 -2.26 28.86 36.29
C GLU A 435 -2.04 27.89 37.44
N MET A 436 -2.65 28.18 38.58
CA MET A 436 -2.56 27.27 39.71
C MET A 436 -3.24 25.93 39.45
N GLU A 437 -4.47 25.98 38.94
CA GLU A 437 -5.22 24.75 38.66
C GLU A 437 -4.47 23.86 37.70
N VAL A 438 -3.83 24.44 36.70
CA VAL A 438 -3.13 23.65 35.70
C VAL A 438 -1.88 22.98 36.26
N ARG A 439 -1.05 23.72 37.00
CA ARG A 439 0.08 23.08 37.67
C ARG A 439 -0.42 21.93 38.51
N GLU A 440 -1.49 22.18 39.27
CA GLU A 440 -2.08 21.16 40.11
C GLU A 440 -2.46 19.87 39.37
N LEU A 441 -3.05 20.00 38.17
CA LEU A 441 -3.31 18.84 37.31
C LEU A 441 -2.03 18.25 36.74
N LEU A 442 -1.26 19.04 36.00
CA LEU A 442 0.01 18.56 35.48
C LEU A 442 0.70 17.59 36.44
N SER A 443 0.71 17.96 37.73
CA SER A 443 1.43 17.22 38.76
C SER A 443 0.68 15.97 39.17
N GLN A 444 -0.64 16.06 39.09
CA GLN A 444 -1.50 14.94 39.39
C GLN A 444 -1.20 13.78 38.43
N TYR A 445 -0.50 14.08 37.34
CA TYR A 445 -0.16 13.04 36.37
C TYR A 445 1.35 12.86 36.23
N ASP A 446 2.08 13.34 37.23
CA ASP A 446 3.51 13.11 37.35
C ASP A 446 4.34 13.99 36.44
N PHE A 447 3.69 14.96 35.83
CA PHE A 447 4.43 15.99 35.12
C PHE A 447 4.96 16.97 36.16
N PRO A 448 6.08 17.61 35.85
CA PRO A 448 6.73 18.59 36.74
C PRO A 448 5.95 19.90 36.85
N GLY A 449 4.81 19.88 37.55
CA GLY A 449 3.88 21.00 37.57
C GLY A 449 4.43 22.34 38.04
N ASP A 450 5.19 22.31 39.12
CA ASP A 450 5.74 23.52 39.69
C ASP A 450 6.72 24.15 38.73
N ASP A 451 7.31 23.31 37.89
CA ASP A 451 8.40 23.77 37.04
C ASP A 451 8.06 23.95 35.54
N THR A 452 6.81 23.70 35.15
CA THR A 452 6.43 23.81 33.74
C THR A 452 6.18 25.28 33.35
N PRO A 453 6.80 25.75 32.26
CA PRO A 453 6.51 27.11 31.81
C PRO A 453 5.03 27.31 31.54
N ILE A 454 4.46 28.42 32.01
CA ILE A 454 3.15 28.84 31.58
C ILE A 454 3.24 30.28 31.07
N VAL A 455 3.22 30.45 29.77
CA VAL A 455 3.19 31.80 29.22
C VAL A 455 1.74 32.31 29.19
N ARG A 456 1.53 33.53 29.68
CA ARG A 456 0.20 34.12 29.70
C ARG A 456 0.04 35.09 28.54
N GLY A 457 -0.74 34.72 27.53
CA GLY A 457 -0.82 35.54 26.33
C GLY A 457 -2.15 35.60 25.61
N SER A 458 -2.10 35.99 24.33
CA SER A 458 -3.28 36.05 23.49
C SER A 458 -2.91 35.89 22.02
N ALA A 459 -3.36 34.80 21.41
CA ALA A 459 -2.99 34.48 20.03
C ALA A 459 -3.54 35.51 19.07
N LEU A 460 -4.77 35.93 19.34
CA LEU A 460 -5.52 36.83 18.47
C LEU A 460 -4.85 38.20 18.34
N LYS A 461 -4.59 38.83 19.46
CA LYS A 461 -3.94 40.14 19.47
C LYS A 461 -2.51 40.05 18.91
N ALA A 462 -1.96 38.85 18.85
CA ALA A 462 -0.62 38.67 18.31
C ALA A 462 -0.65 38.64 16.78
N LEU A 463 -1.79 38.25 16.23
CA LEU A 463 -1.99 38.26 14.79
C LEU A 463 -2.25 39.66 14.32
N GLU A 464 -2.93 40.42 15.17
CA GLU A 464 -3.14 41.85 14.98
C GLU A 464 -1.89 42.64 15.36
N GLY A 465 -0.72 42.05 15.14
CA GLY A 465 0.56 42.70 15.38
C GLY A 465 0.63 43.65 16.56
N ASP A 466 0.01 43.27 17.67
CA ASP A 466 0.03 44.04 18.91
C ASP A 466 1.31 43.72 19.71
N ALA A 467 2.36 44.50 19.46
CA ALA A 467 3.72 44.24 19.96
C ALA A 467 3.85 43.61 21.37
N GLU A 468 2.94 43.94 22.28
CA GLU A 468 2.90 43.35 23.61
C GLU A 468 2.57 41.86 23.54
N TRP A 469 1.31 41.57 23.24
CA TRP A 469 0.86 40.19 23.09
C TRP A 469 1.69 39.48 22.03
N GLU A 470 2.34 40.25 21.17
CA GLU A 470 3.15 39.72 20.09
C GLU A 470 4.43 39.09 20.64
N ALA A 471 4.91 39.60 21.76
CA ALA A 471 6.16 39.15 22.33
C ALA A 471 5.96 37.93 23.23
N LYS A 472 4.74 37.74 23.70
CA LYS A 472 4.38 36.54 24.46
C LYS A 472 4.51 35.27 23.60
N ILE A 473 4.10 35.33 22.34
CA ILE A 473 4.36 34.22 21.43
C ILE A 473 5.86 33.96 21.39
N LEU A 474 6.65 34.97 21.03
CA LEU A 474 8.09 34.85 21.05
C LEU A 474 8.58 34.17 22.34
N GLU A 475 8.02 34.64 23.46
CA GLU A 475 8.33 34.07 24.76
C GLU A 475 8.12 32.57 24.76
N LEU A 476 6.90 32.13 24.46
CA LEU A 476 6.61 30.69 24.38
C LEU A 476 7.62 29.96 23.51
N ALA A 477 7.89 30.51 22.34
CA ALA A 477 8.90 29.97 21.44
C ALA A 477 10.22 29.81 22.17
N GLY A 478 10.56 30.80 22.97
CA GLY A 478 11.77 30.76 23.78
C GLY A 478 11.86 29.49 24.59
N PHE A 479 10.75 29.12 25.24
CA PHE A 479 10.64 27.87 26.01
C PHE A 479 10.81 26.62 25.16
N LEU A 480 10.19 26.59 23.98
CA LEU A 480 10.41 25.49 23.05
C LEU A 480 11.89 25.28 22.81
N ASP A 481 12.67 26.35 22.88
CA ASP A 481 14.11 26.26 22.59
C ASP A 481 14.91 25.76 23.80
N SER A 482 14.46 26.13 24.99
CA SER A 482 15.25 25.86 26.19
C SER A 482 14.62 24.81 27.09
N TYR A 483 13.31 24.62 26.98
CA TYR A 483 12.61 23.63 27.81
C TYR A 483 12.55 22.22 27.21
N ILE A 484 12.17 22.09 25.94
CA ILE A 484 12.32 20.82 25.22
C ILE A 484 13.78 20.63 24.89
N PRO A 485 14.42 19.59 25.46
CA PRO A 485 15.83 19.35 25.14
C PRO A 485 16.03 18.94 23.68
N GLU A 486 17.26 19.12 23.19
CA GLU A 486 17.63 18.80 21.82
C GLU A 486 17.74 17.30 21.59
N PRO A 487 16.99 16.78 20.60
CA PRO A 487 16.87 15.34 20.31
C PRO A 487 18.19 14.74 19.87
N GLU A 488 18.54 13.59 20.44
CA GLU A 488 19.86 13.01 20.23
C GLU A 488 20.10 12.66 18.76
N ARG A 489 21.13 13.27 18.17
CA ARG A 489 21.46 12.97 16.77
C ARG A 489 21.88 11.51 16.66
N ALA A 490 21.41 10.84 15.62
CA ALA A 490 21.61 9.40 15.45
C ALA A 490 23.08 9.02 15.53
N ILE A 491 23.94 9.93 15.08
CA ILE A 491 25.38 9.73 15.06
C ILE A 491 25.94 9.71 16.48
N ASP A 492 25.32 10.47 17.38
CA ASP A 492 25.77 10.55 18.77
C ASP A 492 25.45 9.31 19.61
N LYS A 493 24.59 8.43 19.06
CA LYS A 493 24.22 7.20 19.76
C LYS A 493 25.28 6.11 19.56
N PRO A 494 25.21 5.04 20.36
CA PRO A 494 26.15 3.91 20.19
C PRO A 494 25.90 3.12 18.92
N PHE A 495 26.95 2.49 18.42
CA PHE A 495 26.89 1.84 17.13
C PHE A 495 25.92 0.66 17.08
N LEU A 496 25.18 0.61 15.98
CA LEU A 496 24.25 -0.47 15.71
C LEU A 496 23.97 -0.56 14.20
N LEU A 497 24.23 -1.74 13.64
CA LEU A 497 23.90 -2.01 12.24
C LEU A 497 23.10 -3.30 12.15
N PRO A 498 21.91 -3.23 11.57
CA PRO A 498 21.10 -4.44 11.38
C PRO A 498 21.64 -5.29 10.26
N ILE A 499 22.01 -6.52 10.56
CA ILE A 499 22.64 -7.36 9.56
C ILE A 499 21.63 -7.85 8.56
N GLU A 500 21.82 -7.46 7.30
CA GLU A 500 21.00 -7.91 6.20
C GLU A 500 21.53 -9.20 5.54
N ASP A 501 22.84 -9.34 5.46
CA ASP A 501 23.45 -10.52 4.84
C ASP A 501 24.90 -10.69 5.28
N VAL A 502 25.37 -11.92 5.21
CA VAL A 502 26.68 -12.26 5.70
C VAL A 502 27.39 -13.07 4.61
N PHE A 503 28.62 -12.67 4.27
CA PHE A 503 29.39 -13.34 3.23
C PHE A 503 30.75 -13.84 3.74
N SER A 504 31.16 -15.02 3.27
CA SER A 504 32.52 -15.50 3.53
C SER A 504 33.39 -15.40 2.27
N ILE A 505 34.36 -14.51 2.30
CA ILE A 505 35.18 -14.25 1.12
C ILE A 505 36.63 -14.63 1.33
N SER A 506 37.12 -15.64 0.60
CA SER A 506 38.49 -16.11 0.84
C SER A 506 39.51 -14.96 0.77
N GLY A 507 40.45 -14.96 1.72
CA GLY A 507 41.46 -13.91 1.78
C GLY A 507 40.94 -12.53 2.16
N ARG A 508 39.81 -12.49 2.86
CA ARG A 508 39.26 -11.23 3.35
C ARG A 508 38.52 -11.51 4.68
N GLY A 509 37.82 -12.65 4.72
CA GLY A 509 37.13 -13.10 5.92
C GLY A 509 35.63 -12.99 5.85
N THR A 510 35.00 -12.98 7.01
CA THR A 510 33.55 -12.83 7.09
C THR A 510 33.19 -11.37 7.07
N VAL A 511 32.12 -11.03 6.37
CA VAL A 511 31.71 -9.63 6.25
C VAL A 511 30.17 -9.51 6.25
N VAL A 512 29.66 -8.46 6.90
CA VAL A 512 28.22 -8.26 6.95
C VAL A 512 27.88 -6.95 6.30
N THR A 513 26.72 -6.90 5.66
CA THR A 513 26.28 -5.69 4.99
C THR A 513 24.94 -5.19 5.56
N GLY A 514 24.77 -3.88 5.53
CA GLY A 514 23.54 -3.29 5.98
C GLY A 514 23.72 -1.80 6.03
N ARG A 515 22.69 -1.09 6.50
CA ARG A 515 22.80 0.34 6.71
C ARG A 515 23.10 0.53 8.19
N VAL A 516 24.14 1.28 8.53
CA VAL A 516 24.39 1.58 9.94
C VAL A 516 23.31 2.53 10.45
N GLU A 517 22.63 2.09 11.51
CA GLU A 517 21.42 2.75 12.02
C GLU A 517 21.73 3.88 13.00
N ARG A 518 22.73 3.68 13.86
CA ARG A 518 23.16 4.70 14.81
C ARG A 518 24.65 4.62 15.04
N GLY A 519 25.27 5.77 15.29
CA GLY A 519 26.64 5.80 15.74
C GLY A 519 27.68 5.72 14.65
N ILE A 520 28.89 5.29 15.02
CA ILE A 520 30.00 5.19 14.10
C ILE A 520 30.76 3.92 14.44
N ILE A 521 31.36 3.31 13.42
CA ILE A 521 32.18 2.13 13.63
C ILE A 521 33.50 2.31 12.89
N LYS A 522 34.56 2.50 13.66
CA LYS A 522 35.90 2.63 13.10
C LYS A 522 36.53 1.25 13.06
N VAL A 523 37.28 0.94 11.99
CA VAL A 523 38.04 -0.30 11.97
C VAL A 523 38.90 -0.35 13.23
N GLY A 524 39.16 -1.55 13.73
CA GLY A 524 39.84 -1.70 15.00
C GLY A 524 38.88 -1.99 16.13
N GLU A 525 37.89 -1.12 16.31
CA GLU A 525 36.89 -1.27 17.36
C GLU A 525 36.36 -2.69 17.49
N GLU A 526 35.94 -3.04 18.71
CA GLU A 526 35.31 -4.33 18.94
C GLU A 526 33.82 -4.16 18.76
N VAL A 527 33.16 -5.25 18.40
CA VAL A 527 31.71 -5.25 18.21
C VAL A 527 31.12 -6.55 18.74
N GLU A 528 29.90 -6.47 19.28
CA GLU A 528 29.14 -7.69 19.57
C GLU A 528 28.22 -7.92 18.39
N ILE A 529 27.96 -9.19 18.09
CA ILE A 529 26.87 -9.54 17.19
C ILE A 529 25.80 -10.29 18.00
N VAL A 530 24.67 -9.62 18.17
CA VAL A 530 23.64 -10.00 19.12
C VAL A 530 22.27 -10.16 18.43
N GLY A 531 21.55 -11.21 18.81
CA GLY A 531 20.23 -11.41 18.26
C GLY A 531 19.70 -12.82 18.43
N ILE A 532 19.78 -13.62 17.38
CA ILE A 532 19.01 -14.85 17.36
C ILE A 532 19.68 -15.92 18.21
N LYS A 533 21.01 -15.90 18.21
CA LYS A 533 21.82 -16.97 18.78
C LYS A 533 22.46 -16.50 20.09
N GLU A 534 23.35 -17.32 20.64
CA GLU A 534 24.11 -16.90 21.81
C GLU A 534 25.05 -15.79 21.36
N THR A 535 24.71 -14.56 21.72
CA THR A 535 25.52 -13.39 21.39
C THR A 535 27.05 -13.66 21.32
N GLN A 536 27.72 -13.01 20.38
CA GLN A 536 29.15 -13.25 20.16
C GLN A 536 29.90 -11.94 19.95
N LYS A 537 31.21 -11.97 20.18
CA LYS A 537 32.02 -10.76 20.02
C LYS A 537 33.10 -10.92 18.97
N SER A 538 33.47 -9.80 18.37
CA SER A 538 34.47 -9.76 17.33
C SER A 538 34.98 -8.35 17.13
N THR A 539 35.89 -8.19 16.18
CA THR A 539 36.54 -6.90 15.96
C THR A 539 36.41 -6.46 14.50
N CYS A 540 36.36 -5.15 14.29
CA CYS A 540 36.20 -4.61 12.96
C CYS A 540 37.51 -4.54 12.17
N THR A 541 37.62 -5.43 11.19
CA THR A 541 38.75 -5.55 10.29
C THR A 541 38.71 -4.52 9.15
N GLY A 542 37.51 -4.01 8.84
CA GLY A 542 37.36 -3.05 7.76
C GLY A 542 35.93 -2.61 7.44
N VAL A 543 35.82 -1.58 6.63
CA VAL A 543 34.53 -1.00 6.27
C VAL A 543 34.54 -0.55 4.81
N GLU A 544 33.75 -1.18 3.95
CA GLU A 544 33.78 -0.80 2.54
C GLU A 544 32.44 -0.53 1.87
N MET A 545 32.49 0.29 0.82
CA MET A 545 31.37 0.50 -0.06
C MET A 545 31.77 0.04 -1.43
N PHE A 546 30.90 0.24 -2.42
CA PHE A 546 31.22 -0.26 -3.74
C PHE A 546 32.37 0.53 -4.37
N ARG A 547 32.35 1.85 -4.21
CA ARG A 547 33.41 2.63 -4.84
C ARG A 547 34.69 2.58 -4.00
N LYS A 548 34.69 3.13 -2.80
CA LYS A 548 35.92 3.13 -1.99
C LYS A 548 35.98 2.14 -0.82
N LEU A 549 37.20 1.87 -0.35
CA LEU A 549 37.39 1.27 0.96
C LEU A 549 37.40 2.42 1.98
N LEU A 550 37.13 2.12 3.24
CA LEU A 550 36.79 3.14 4.22
C LEU A 550 37.36 2.73 5.56
N ASP A 551 37.54 3.68 6.49
CA ASP A 551 38.04 3.30 7.82
C ASP A 551 36.99 3.41 8.94
N GLU A 552 35.85 4.02 8.64
CA GLU A 552 34.70 4.10 9.55
C GLU A 552 33.41 4.14 8.74
N GLY A 553 32.33 3.69 9.36
CA GLY A 553 31.00 3.84 8.80
C GLY A 553 30.17 4.70 9.74
N ARG A 554 29.64 5.81 9.24
CA ARG A 554 28.77 6.68 10.04
C ARG A 554 27.29 6.35 9.84
N ALA A 555 26.47 6.72 10.82
CA ALA A 555 25.03 6.53 10.72
C ALA A 555 24.49 6.95 9.34
N GLY A 556 23.68 6.07 8.74
CA GLY A 556 22.98 6.38 7.52
C GLY A 556 23.67 5.84 6.28
N GLU A 557 24.83 5.24 6.47
CA GLU A 557 25.62 4.74 5.35
C GLU A 557 25.45 3.24 5.16
N ASN A 558 25.20 2.82 3.92
CA ASN A 558 25.20 1.39 3.61
C ASN A 558 26.63 0.94 3.43
N VAL A 559 26.98 -0.20 4.03
CA VAL A 559 28.35 -0.65 4.04
C VAL A 559 28.48 -2.15 4.20
N GLY A 560 29.68 -2.64 3.91
CA GLY A 560 30.11 -3.93 4.39
C GLY A 560 31.00 -3.67 5.58
N VAL A 561 30.96 -4.58 6.55
CA VAL A 561 31.86 -4.50 7.70
C VAL A 561 32.55 -5.84 7.82
N LEU A 562 33.88 -5.82 7.80
CA LEU A 562 34.63 -7.06 7.93
C LEU A 562 34.89 -7.38 9.40
N LEU A 563 34.73 -8.65 9.74
CA LEU A 563 34.82 -9.13 11.10
C LEU A 563 35.90 -10.18 11.21
N ARG A 564 36.57 -10.20 12.37
CA ARG A 564 37.68 -11.12 12.59
C ARG A 564 37.28 -12.38 13.36
N GLY A 565 37.66 -13.54 12.84
CA GLY A 565 37.59 -14.77 13.61
C GLY A 565 36.24 -15.46 13.73
N ILE A 566 35.21 -14.83 13.19
CA ILE A 566 33.88 -15.41 13.23
C ILE A 566 33.49 -16.06 11.91
N LYS A 567 33.14 -17.34 11.97
CA LYS A 567 32.67 -18.08 10.79
C LYS A 567 31.35 -17.48 10.26
N ARG A 568 31.05 -17.70 8.98
CA ARG A 568 29.89 -17.07 8.38
C ARG A 568 28.60 -17.84 8.66
N GLU A 569 28.71 -19.07 9.14
CA GLU A 569 27.52 -19.83 9.52
C GLU A 569 27.17 -19.57 10.97
N GLU A 570 27.92 -18.65 11.57
CA GLU A 570 27.68 -18.20 12.94
C GLU A 570 27.06 -16.80 12.97
N ILE A 571 26.86 -16.22 11.79
CA ILE A 571 26.11 -14.98 11.69
C ILE A 571 24.84 -15.23 10.88
N GLU A 572 23.85 -14.36 11.05
CA GLU A 572 22.51 -14.61 10.56
C GLU A 572 21.74 -13.31 10.42
N ARG A 573 20.99 -13.17 9.33
CA ARG A 573 20.17 -11.99 9.13
C ARG A 573 19.17 -11.91 10.28
N GLY A 574 19.05 -10.73 10.87
CA GLY A 574 18.14 -10.55 11.98
C GLY A 574 18.93 -10.06 13.17
N GLN A 575 20.13 -10.59 13.31
CA GLN A 575 21.07 -10.16 14.33
C GLN A 575 21.44 -8.72 14.06
N VAL A 576 21.93 -8.04 15.08
CA VAL A 576 22.47 -6.70 14.88
C VAL A 576 23.96 -6.67 15.20
N LEU A 577 24.67 -5.74 14.62
CA LEU A 577 26.04 -5.51 14.97
C LEU A 577 26.04 -4.29 15.86
N ALA A 578 26.60 -4.41 17.06
CA ALA A 578 26.52 -3.30 18.02
C ALA A 578 27.78 -3.10 18.85
N LYS A 579 27.96 -1.86 19.29
CA LYS A 579 28.96 -1.57 20.31
C LYS A 579 28.61 -2.42 21.53
N PRO A 580 29.61 -3.13 22.06
CA PRO A 580 29.39 -4.20 23.06
C PRO A 580 28.67 -3.74 24.34
N GLY A 581 27.75 -4.60 24.81
CA GLY A 581 26.93 -4.34 25.98
C GLY A 581 25.85 -3.30 25.75
N THR A 582 25.86 -2.71 24.56
CA THR A 582 25.03 -1.55 24.25
C THR A 582 23.57 -1.93 23.96
N ILE A 583 23.36 -3.19 23.56
CA ILE A 583 22.03 -3.73 23.33
C ILE A 583 21.93 -5.21 23.75
N LYS A 584 20.77 -5.62 24.27
CA LYS A 584 20.64 -7.00 24.74
C LYS A 584 19.55 -7.75 24.00
N PRO A 585 19.66 -9.09 23.98
CA PRO A 585 18.67 -9.99 23.39
C PRO A 585 17.52 -10.31 24.34
N HIS A 586 16.28 -10.16 23.87
CA HIS A 586 15.10 -10.43 24.70
C HIS A 586 14.04 -11.16 23.91
N THR A 587 13.16 -11.86 24.63
CA THR A 587 12.08 -12.62 24.02
C THR A 587 10.70 -12.12 24.44
N LYS A 588 10.58 -11.58 25.64
CA LYS A 588 9.28 -11.17 26.14
C LYS A 588 9.24 -9.68 26.42
N PHE A 589 8.14 -9.04 26.04
CA PHE A 589 8.03 -7.61 26.15
C PHE A 589 6.59 -7.19 25.94
N GLU A 590 6.23 -6.05 26.52
CA GLU A 590 4.89 -5.53 26.31
C GLU A 590 4.93 -4.41 25.29
N SER A 591 3.83 -4.21 24.58
CA SER A 591 3.83 -3.21 23.55
C SER A 591 2.49 -2.58 23.35
N GLU A 592 2.49 -1.56 22.52
CA GLU A 592 1.28 -0.95 22.06
C GLU A 592 1.32 -1.21 20.58
N VAL A 593 0.25 -1.79 20.04
CA VAL A 593 0.18 -2.02 18.61
C VAL A 593 -1.07 -1.39 18.01
N TYR A 594 -0.99 -1.09 16.73
CA TYR A 594 -2.15 -0.70 15.97
C TYR A 594 -2.44 -1.83 15.00
N ILE A 595 -3.66 -2.31 14.97
CA ILE A 595 -4.02 -3.30 13.96
C ILE A 595 -4.60 -2.58 12.74
N LEU A 596 -3.98 -2.80 11.59
CA LEU A 596 -4.43 -2.22 10.34
C LEU A 596 -5.89 -2.51 10.10
N SER A 597 -6.59 -1.53 9.55
CA SER A 597 -7.98 -1.75 9.18
C SER A 597 -8.10 -2.53 7.86
N LYS A 598 -9.29 -3.03 7.58
CA LYS A 598 -9.54 -3.66 6.30
C LYS A 598 -9.13 -2.64 5.24
N ASP A 599 -9.66 -1.44 5.38
CA ASP A 599 -9.32 -0.36 4.46
C ASP A 599 -7.83 -0.33 4.12
N GLU A 600 -6.98 -0.26 5.13
CA GLU A 600 -5.56 0.02 4.92
C GLU A 600 -4.74 -1.23 4.60
N GLY A 601 -5.37 -2.22 3.97
CA GLY A 601 -4.68 -3.44 3.55
C GLY A 601 -4.50 -4.53 4.60
N GLY A 602 -5.12 -4.34 5.76
CA GLY A 602 -4.92 -5.21 6.91
C GLY A 602 -5.89 -6.36 6.91
N ARG A 603 -6.00 -7.03 8.06
CA ARG A 603 -7.01 -8.07 8.25
C ARG A 603 -8.38 -7.52 7.98
N HIS A 604 -9.33 -8.40 7.65
CA HIS A 604 -10.72 -7.99 7.53
C HIS A 604 -11.58 -8.67 8.60
N THR A 605 -11.02 -9.70 9.21
CA THR A 605 -11.65 -10.48 10.27
C THR A 605 -10.94 -10.25 11.60
N PRO A 606 -11.71 -10.16 12.69
CA PRO A 606 -11.14 -10.02 14.03
C PRO A 606 -10.30 -11.22 14.42
N PHE A 607 -9.43 -11.05 15.40
CA PHE A 607 -8.76 -12.19 16.00
C PHE A 607 -9.05 -12.29 17.52
N PHE A 608 -8.54 -13.33 18.17
CA PHE A 608 -8.88 -13.59 19.58
C PHE A 608 -7.70 -14.07 20.39
N LYS A 609 -7.98 -14.73 21.51
CA LYS A 609 -6.95 -15.05 22.51
C LYS A 609 -5.59 -15.46 21.97
N GLY A 610 -5.54 -16.52 21.16
CA GLY A 610 -4.24 -17.07 20.75
C GLY A 610 -3.72 -16.65 19.38
N TYR A 611 -3.91 -15.39 19.02
CA TYR A 611 -3.34 -14.85 17.79
C TYR A 611 -1.87 -15.24 17.68
N ARG A 612 -1.42 -15.62 16.48
CA ARG A 612 -0.05 -16.15 16.32
C ARG A 612 0.69 -15.72 15.05
N PRO A 613 0.88 -14.40 14.86
CA PRO A 613 1.41 -13.84 13.62
C PRO A 613 2.94 -13.83 13.56
N GLN A 614 3.49 -13.09 12.59
CA GLN A 614 4.94 -12.87 12.53
C GLN A 614 5.29 -11.47 13.01
N PHE A 615 6.36 -11.35 13.78
CA PHE A 615 6.85 -10.04 14.21
C PHE A 615 8.14 -9.70 13.49
N TYR A 616 8.06 -8.67 12.66
CA TYR A 616 9.14 -8.27 11.81
C TYR A 616 9.90 -7.16 12.49
N PHE A 617 11.14 -7.43 12.88
CA PHE A 617 11.89 -6.42 13.60
C PHE A 617 12.69 -5.41 12.78
N ARG A 618 13.89 -5.76 12.36
CA ARG A 618 14.57 -4.78 11.55
C ARG A 618 14.73 -5.32 10.14
N THR A 619 14.74 -6.64 10.04
CA THR A 619 15.31 -7.25 8.88
C THR A 619 14.89 -8.71 8.80
N THR A 620 13.98 -9.11 9.68
CA THR A 620 13.50 -10.49 9.69
C THR A 620 12.17 -10.70 10.45
N ASP A 621 11.51 -11.82 10.18
CA ASP A 621 10.26 -12.15 10.83
C ASP A 621 10.60 -13.06 12.01
N VAL A 622 9.87 -12.93 13.11
CA VAL A 622 9.92 -14.02 14.06
C VAL A 622 8.57 -14.34 14.70
N THR A 623 8.25 -15.62 14.75
CA THR A 623 6.98 -16.07 15.28
C THR A 623 6.83 -15.70 16.75
N GLY A 624 5.64 -15.24 17.13
CA GLY A 624 5.41 -14.93 18.52
C GLY A 624 3.96 -15.04 18.92
N THR A 625 3.75 -15.49 20.14
CA THR A 625 2.42 -15.55 20.74
C THR A 625 2.16 -14.29 21.57
N ILE A 626 0.90 -13.95 21.77
CA ILE A 626 0.57 -12.79 22.57
C ILE A 626 -0.48 -13.06 23.63
N GLU A 627 -0.46 -12.26 24.70
CA GLU A 627 -1.55 -12.25 25.68
C GLU A 627 -2.23 -10.88 25.69
N LEU A 628 -3.56 -10.89 25.62
CA LEU A 628 -4.33 -9.66 25.60
C LEU A 628 -4.47 -9.03 26.99
N PRO A 629 -4.87 -7.75 27.06
CA PRO A 629 -5.08 -7.15 28.37
C PRO A 629 -6.27 -7.77 29.15
N GLU A 630 -6.28 -7.51 30.46
CA GLU A 630 -7.44 -7.77 31.32
C GLU A 630 -8.77 -7.46 30.62
N GLY A 631 -9.56 -8.48 30.35
CA GLY A 631 -10.92 -8.24 29.90
C GLY A 631 -11.16 -7.98 28.43
N VAL A 632 -10.11 -7.92 27.62
CA VAL A 632 -10.32 -7.84 26.17
C VAL A 632 -10.18 -9.22 25.53
N GLU A 633 -11.19 -9.60 24.75
CA GLU A 633 -11.29 -10.96 24.22
C GLU A 633 -11.25 -11.04 22.69
N MET A 634 -11.51 -9.91 22.03
CA MET A 634 -11.53 -9.87 20.58
C MET A 634 -10.87 -8.58 20.09
N VAL A 635 -10.10 -8.66 19.02
CA VAL A 635 -9.49 -7.48 18.41
C VAL A 635 -9.94 -7.27 16.97
N MET A 636 -10.24 -6.04 16.62
CA MET A 636 -10.76 -5.76 15.30
C MET A 636 -9.80 -4.92 14.47
N PRO A 637 -9.81 -5.14 13.14
CA PRO A 637 -9.03 -4.28 12.27
C PRO A 637 -9.30 -2.85 12.70
N GLY A 638 -8.25 -2.05 12.88
CA GLY A 638 -8.41 -0.67 13.27
C GLY A 638 -8.20 -0.39 14.75
N ASP A 639 -8.17 -1.45 15.56
CA ASP A 639 -7.99 -1.28 17.01
C ASP A 639 -6.56 -0.95 17.42
N ASN A 640 -6.40 0.02 18.32
CA ASN A 640 -5.17 0.11 19.11
C ASN A 640 -5.32 -0.92 20.20
N ILE A 641 -4.20 -1.43 20.69
CA ILE A 641 -4.25 -2.38 21.79
C ILE A 641 -2.88 -2.52 22.40
N LYS A 642 -2.84 -2.74 23.72
CA LYS A 642 -1.60 -3.13 24.36
C LYS A 642 -1.56 -4.65 24.36
N MET A 643 -0.42 -5.24 24.04
CA MET A 643 -0.31 -6.67 24.19
C MET A 643 1.07 -7.07 24.64
N VAL A 644 1.16 -8.22 25.29
CA VAL A 644 2.43 -8.74 25.75
C VAL A 644 2.84 -9.82 24.78
N VAL A 645 4.05 -9.68 24.25
CA VAL A 645 4.44 -10.50 23.13
C VAL A 645 5.62 -11.30 23.58
N THR A 646 5.51 -12.62 23.44
CA THR A 646 6.64 -13.47 23.69
C THR A 646 7.06 -14.23 22.41
N LEU A 647 8.33 -14.07 22.05
CA LEU A 647 8.90 -14.57 20.78
C LEU A 647 9.51 -15.96 20.87
N ILE A 648 9.55 -16.66 19.73
CA ILE A 648 10.06 -18.01 19.69
C ILE A 648 11.59 -18.06 19.88
N HIS A 649 12.29 -17.01 19.48
CA HIS A 649 13.65 -16.76 19.98
C HIS A 649 14.02 -15.28 20.06
N PRO A 650 15.15 -14.96 20.73
CA PRO A 650 15.51 -13.59 21.10
C PRO A 650 15.77 -12.66 19.94
N ILE A 651 15.55 -11.37 20.17
CA ILE A 651 15.90 -10.34 19.22
C ILE A 651 16.49 -9.21 20.06
N ALA A 652 17.56 -8.58 19.56
CA ALA A 652 18.16 -7.44 20.26
C ALA A 652 17.14 -6.31 20.28
N MET A 653 16.93 -5.70 21.44
CA MET A 653 15.91 -4.64 21.58
C MET A 653 16.02 -3.88 22.88
N ASP A 654 15.62 -2.62 22.82
CA ASP A 654 15.35 -1.82 23.99
C ASP A 654 14.00 -1.10 23.75
N ASP A 655 13.56 -0.30 24.70
CA ASP A 655 12.33 0.45 24.56
C ASP A 655 12.36 1.36 23.34
N GLY A 656 11.23 1.47 22.67
CA GLY A 656 11.14 2.37 21.54
C GLY A 656 11.34 1.66 20.21
N LEU A 657 11.74 0.40 20.25
CA LEU A 657 11.93 -0.36 19.03
C LEU A 657 10.59 -0.59 18.32
N ARG A 658 10.44 -0.04 17.12
CA ARG A 658 9.23 -0.24 16.33
C ARG A 658 9.30 -1.56 15.57
N PHE A 659 8.13 -2.09 15.22
CA PHE A 659 8.07 -3.34 14.47
C PHE A 659 6.77 -3.48 13.71
N ALA A 660 6.72 -4.45 12.80
CA ALA A 660 5.48 -4.68 12.06
C ALA A 660 4.95 -6.05 12.37
N ILE A 661 3.64 -6.21 12.27
CA ILE A 661 3.05 -7.52 12.49
C ILE A 661 2.65 -8.04 11.13
N ARG A 662 3.03 -9.26 10.82
CA ARG A 662 2.82 -9.78 9.47
C ARG A 662 2.15 -11.13 9.43
N GLU A 663 1.37 -11.33 8.37
CA GLU A 663 0.82 -12.65 8.06
C GLU A 663 1.36 -13.11 6.70
N GLY A 664 2.42 -13.92 6.75
CA GLY A 664 3.10 -14.41 5.56
C GLY A 664 3.37 -13.40 4.45
N GLY A 665 3.93 -12.24 4.78
CA GLY A 665 4.21 -11.27 3.73
C GLY A 665 3.35 -10.01 3.76
N ARG A 666 2.08 -10.18 4.13
CA ARG A 666 1.15 -9.07 4.32
C ARG A 666 1.35 -8.38 5.68
N THR A 667 1.38 -7.06 5.67
CA THR A 667 1.50 -6.31 6.91
C THR A 667 0.14 -5.96 7.52
N VAL A 668 -0.11 -6.42 8.74
CA VAL A 668 -1.44 -6.32 9.31
C VAL A 668 -1.48 -5.46 10.56
N GLY A 669 -0.33 -5.01 11.01
CA GLY A 669 -0.25 -4.21 12.21
C GLY A 669 1.13 -3.65 12.45
N ALA A 670 1.19 -2.60 13.27
CA ALA A 670 2.44 -1.97 13.66
C ALA A 670 2.46 -1.82 15.17
N GLY A 671 3.64 -1.87 15.77
CA GLY A 671 3.76 -1.75 17.21
C GLY A 671 5.08 -1.13 17.61
N VAL A 672 5.23 -0.79 18.89
CA VAL A 672 6.52 -0.39 19.44
C VAL A 672 6.73 -1.09 20.76
N VAL A 673 7.93 -1.60 21.03
CA VAL A 673 8.18 -2.20 22.34
C VAL A 673 8.04 -1.11 23.40
N ALA A 674 7.36 -1.43 24.50
CA ALA A 674 7.08 -0.43 25.53
C ALA A 674 7.89 -0.66 26.80
N LYS A 675 8.09 -1.92 27.14
CA LYS A 675 8.85 -2.31 28.33
C LYS A 675 9.27 -3.76 28.09
N VAL A 676 10.57 -4.02 28.05
CA VAL A 676 11.00 -5.39 27.85
C VAL A 676 10.89 -6.16 29.17
N LEU A 677 10.42 -7.40 29.09
CA LEU A 677 10.10 -8.18 30.27
C LEU A 677 11.10 -9.29 30.46
N SER A 678 10.84 -10.18 31.41
CA SER A 678 11.89 -11.06 31.89
C SER A 678 11.97 -12.41 31.19
N GLY A 679 11.02 -12.70 30.31
CA GLY A 679 11.07 -13.95 29.55
C GLY A 679 11.18 -15.15 30.45
N ALA A 680 11.83 -16.21 29.97
CA ALA A 680 12.03 -17.41 30.79
C ALA A 680 13.37 -18.11 30.49
N SER A 700 -3.20 -25.90 13.34
CA SER A 700 -1.95 -26.66 13.43
C SER A 700 -1.38 -27.05 12.05
N SER A 701 -1.58 -28.29 11.62
CA SER A 701 -1.08 -28.74 10.30
C SER A 701 -1.62 -30.09 9.82
N ARG A 702 -0.79 -30.84 9.10
CA ARG A 702 -1.16 -32.15 8.53
C ARG A 702 0.02 -32.87 7.85
N ASN A 703 0.35 -34.08 8.35
CA ASN A 703 1.43 -34.93 7.81
C ASN A 703 1.01 -35.64 6.51
N SER A 704 0.51 -36.86 6.61
CA SER A 704 0.03 -37.59 5.45
C SER A 704 -1.25 -36.94 4.96
N LEU A 705 -1.20 -35.61 4.81
CA LEU A 705 -2.28 -34.80 4.25
C LEU A 705 -1.62 -33.81 3.27
N SER A 706 -0.54 -33.17 3.70
CA SER A 706 0.35 -32.52 2.75
C SER A 706 0.96 -33.58 1.83
N ALA A 707 1.30 -34.73 2.40
CA ALA A 707 1.82 -35.86 1.63
C ALA A 707 0.76 -36.35 0.66
N GLN A 708 -0.49 -36.32 1.07
CA GLN A 708 -1.55 -36.68 0.16
C GLN A 708 -1.60 -35.74 -1.05
N LEU A 709 -1.52 -34.45 -0.78
CA LEU A 709 -1.65 -33.45 -1.83
C LEU A 709 -0.41 -33.39 -2.71
N ARG A 710 0.73 -33.71 -2.12
CA ARG A 710 1.98 -33.71 -2.87
C ARG A 710 2.00 -34.87 -3.86
N ARG A 711 1.50 -36.01 -3.43
CA ARG A 711 1.41 -37.16 -4.29
C ARG A 711 0.47 -36.81 -5.44
N ALA A 712 -0.70 -36.29 -5.10
CA ALA A 712 -1.65 -35.81 -6.12
C ALA A 712 -1.01 -34.86 -7.14
N ALA A 713 -0.27 -33.87 -6.64
CA ALA A 713 0.34 -32.88 -7.51
C ALA A 713 1.32 -33.48 -8.50
N ASN A 714 2.12 -34.45 -8.06
CA ASN A 714 3.07 -35.11 -8.96
C ASN A 714 2.41 -36.24 -9.73
N THR A 715 1.10 -36.28 -9.65
CA THR A 715 0.41 -37.25 -10.45
C THR A 715 0.37 -36.67 -11.86
N ARG A 716 0.11 -37.50 -12.84
CA ARG A 716 0.04 -36.96 -14.18
C ARG A 716 -1.35 -37.15 -14.74
N ILE A 717 -2.07 -36.06 -14.95
CA ILE A 717 -3.45 -36.18 -15.42
C ILE A 717 -3.34 -36.79 -16.82
N GLU A 718 -4.13 -37.83 -17.09
CA GLU A 718 -3.93 -38.46 -18.37
C GLU A 718 -5.20 -38.75 -19.15
N VAL A 719 -5.18 -38.36 -20.42
CA VAL A 719 -6.30 -38.55 -21.31
C VAL A 719 -5.86 -38.81 -22.71
N GLU A 720 -6.85 -39.02 -23.57
CA GLU A 720 -6.60 -39.34 -24.95
C GLU A 720 -6.75 -38.10 -25.82
N GLY A 721 -5.69 -37.79 -26.56
CA GLY A 721 -5.74 -36.72 -27.53
C GLY A 721 -5.26 -35.38 -27.02
N ASN A 722 -5.83 -34.33 -27.59
CA ASN A 722 -5.46 -32.98 -27.23
C ASN A 722 -6.48 -32.49 -26.22
N LEU A 723 -6.10 -32.54 -24.95
CA LEU A 723 -7.04 -32.20 -23.90
C LEU A 723 -7.46 -30.75 -24.06
N ALA A 724 -6.48 -29.90 -24.37
CA ALA A 724 -6.75 -28.48 -24.62
C ALA A 724 -7.84 -28.32 -25.68
N LEU A 725 -7.71 -29.03 -26.78
CA LEU A 725 -8.63 -28.88 -27.89
C LEU A 725 -10.02 -29.31 -27.43
N SER A 726 -10.05 -30.36 -26.62
CA SER A 726 -11.31 -30.91 -26.16
C SER A 726 -12.02 -29.89 -25.34
N ILE A 727 -11.27 -29.23 -24.46
CA ILE A 727 -11.83 -28.22 -23.56
C ILE A 727 -12.36 -27.02 -24.36
N ALA A 728 -11.53 -26.51 -25.27
CA ALA A 728 -11.94 -25.44 -26.19
C ALA A 728 -13.18 -25.82 -26.99
N ASN A 729 -13.28 -27.06 -27.45
CA ASN A 729 -14.47 -27.40 -28.22
C ASN A 729 -15.71 -27.53 -27.35
N ASP A 730 -15.54 -28.07 -26.15
CA ASP A 730 -16.66 -28.23 -25.27
C ASP A 730 -17.18 -26.86 -24.82
N LEU A 731 -16.26 -25.91 -24.68
CA LEU A 731 -16.63 -24.51 -24.45
C LEU A 731 -17.45 -23.92 -25.61
N LEU A 732 -16.92 -24.00 -26.83
CA LEU A 732 -17.61 -23.49 -28.03
C LEU A 732 -19.00 -24.09 -28.18
N LEU A 733 -19.12 -25.36 -27.84
CA LEU A 733 -20.41 -26.04 -27.94
C LEU A 733 -21.38 -25.47 -26.92
N ALA A 734 -20.92 -25.26 -25.69
CA ALA A 734 -21.79 -24.72 -24.63
C ALA A 734 -22.29 -23.32 -24.95
N TYR A 735 -21.57 -22.60 -25.81
CA TYR A 735 -21.99 -21.26 -26.22
C TYR A 735 -22.68 -21.29 -27.59
N GLY A 736 -23.06 -22.50 -28.02
CA GLY A 736 -23.69 -22.71 -29.31
C GLY A 736 -22.91 -22.15 -30.49
N GLN A 737 -21.60 -22.39 -30.51
CA GLN A 737 -20.76 -22.07 -31.66
C GLN A 737 -20.23 -23.37 -32.20
N SER A 738 -19.88 -23.40 -33.48
CA SER A 738 -19.32 -24.60 -34.05
C SER A 738 -17.97 -24.86 -33.40
N PRO A 739 -17.62 -26.12 -33.21
CA PRO A 739 -16.28 -26.44 -32.72
C PRO A 739 -15.26 -26.33 -33.83
N PHE A 740 -14.00 -26.38 -33.46
CA PHE A 740 -12.93 -26.56 -34.42
C PHE A 740 -12.98 -28.02 -34.79
N ASN A 741 -13.01 -28.31 -36.08
CA ASN A 741 -13.06 -29.69 -36.52
C ASN A 741 -11.68 -30.23 -36.88
N SER A 742 -10.65 -29.44 -36.62
CA SER A 742 -9.27 -29.88 -36.85
C SER A 742 -8.25 -28.94 -36.21
N GLU A 743 -7.07 -29.47 -35.90
CA GLU A 743 -6.03 -28.63 -35.34
C GLU A 743 -5.78 -27.42 -36.24
N ALA A 744 -5.82 -27.64 -37.56
CA ALA A 744 -5.52 -26.58 -38.54
C ALA A 744 -6.52 -25.43 -38.51
N GLU A 745 -7.65 -25.63 -37.86
CA GLU A 745 -8.70 -24.62 -37.73
C GLU A 745 -8.47 -23.68 -36.54
N CYS A 746 -7.99 -24.27 -35.45
CA CYS A 746 -7.65 -23.57 -34.22
C CYS A 746 -6.76 -22.36 -34.40
N ILE A 747 -6.02 -22.28 -35.50
CA ILE A 747 -5.09 -21.17 -35.72
C ILE A 747 -5.39 -20.35 -36.99
N SER A 748 -6.56 -20.57 -37.58
CA SER A 748 -6.89 -19.92 -38.83
C SER A 748 -8.34 -19.43 -38.86
N PHE A 749 -8.87 -19.09 -37.69
CA PHE A 749 -10.23 -18.58 -37.60
C PHE A 749 -10.30 -17.08 -37.29
N SER A 750 -11.04 -16.33 -38.10
CA SER A 750 -11.17 -14.88 -37.87
C SER A 750 -12.50 -14.50 -37.26
N PRO A 751 -12.48 -13.58 -36.29
CA PRO A 751 -13.73 -13.15 -35.65
C PRO A 751 -14.55 -12.23 -36.57
N ARG A 752 -15.84 -12.08 -36.29
CA ARG A 752 -16.64 -11.03 -36.92
C ARG A 752 -16.63 -9.82 -36.00
N PHE A 753 -16.12 -8.68 -36.45
CA PHE A 753 -16.18 -7.49 -35.62
C PHE A 753 -17.54 -6.79 -35.62
N ASP A 754 -18.58 -7.57 -35.37
CA ASP A 754 -19.93 -7.03 -35.13
C ASP A 754 -20.72 -8.02 -34.31
N GLY A 755 -22.04 -7.88 -34.33
CA GLY A 755 -22.85 -8.69 -33.46
C GLY A 755 -22.78 -8.07 -32.08
N THR A 756 -23.57 -8.60 -31.15
CA THR A 756 -23.63 -8.06 -29.80
C THR A 756 -22.32 -8.31 -29.05
N PRO A 757 -22.08 -7.55 -27.96
CA PRO A 757 -20.82 -7.76 -27.23
C PRO A 757 -20.72 -9.21 -26.83
N ASP A 758 -21.82 -9.83 -26.39
CA ASP A 758 -21.80 -11.24 -25.98
C ASP A 758 -21.44 -12.16 -27.12
N ASP A 759 -22.08 -12.01 -28.28
CA ASP A 759 -21.69 -12.82 -29.43
C ASP A 759 -20.23 -12.66 -29.66
N PHE A 760 -19.78 -11.41 -29.80
CA PHE A 760 -18.38 -11.15 -30.13
C PHE A 760 -17.38 -11.72 -29.10
N ARG A 761 -17.76 -11.68 -27.84
CA ARG A 761 -16.85 -12.15 -26.81
C ARG A 761 -16.41 -13.60 -27.02
N ILE A 762 -17.36 -14.51 -27.24
CA ILE A 762 -17.04 -15.92 -27.47
C ILE A 762 -16.40 -16.12 -28.86
N ASN A 763 -16.72 -15.24 -29.79
CA ASN A 763 -16.10 -15.31 -31.11
C ASN A 763 -14.61 -15.05 -31.03
N TYR A 764 -14.24 -14.12 -30.15
CA TYR A 764 -12.87 -13.67 -30.05
C TYR A 764 -12.09 -14.69 -29.25
N LEU A 765 -12.72 -15.18 -28.20
CA LEU A 765 -12.17 -16.33 -27.49
C LEU A 765 -11.87 -17.42 -28.52
N LYS A 766 -12.89 -17.79 -29.29
CA LYS A 766 -12.70 -18.85 -30.28
C LYS A 766 -11.54 -18.56 -31.21
N ALA A 767 -11.38 -17.30 -31.59
CA ALA A 767 -10.28 -16.93 -32.48
C ALA A 767 -8.90 -16.99 -31.82
N GLU A 768 -8.86 -16.83 -30.49
CA GLU A 768 -7.58 -16.65 -29.81
C GLU A 768 -7.14 -17.84 -28.94
N ILE A 769 -8.11 -18.49 -28.28
CA ILE A 769 -7.84 -19.47 -27.23
C ILE A 769 -6.77 -20.49 -27.57
N MET A 770 -6.74 -20.99 -28.80
CA MET A 770 -5.76 -21.99 -29.17
C MET A 770 -4.66 -21.40 -30.04
N SER A 771 -4.65 -20.09 -30.21
CA SER A 771 -3.76 -19.50 -31.21
C SER A 771 -2.27 -19.55 -30.86
N LYS A 772 -1.94 -19.89 -29.62
CA LYS A 772 -0.54 -19.95 -29.22
C LYS A 772 -0.17 -21.32 -28.64
N TYR A 773 -1.03 -22.30 -28.90
CA TYR A 773 -0.82 -23.66 -28.41
C TYR A 773 0.48 -24.21 -29.01
N ASP A 774 1.38 -24.69 -28.17
CA ASP A 774 2.71 -25.08 -28.65
C ASP A 774 2.85 -26.53 -29.08
N ASP A 775 1.74 -27.26 -29.10
CA ASP A 775 1.83 -28.70 -29.33
C ASP A 775 1.02 -29.25 -30.50
N PHE A 776 0.68 -28.40 -31.45
CA PHE A 776 0.00 -28.92 -32.63
C PHE A 776 0.97 -29.84 -33.32
N SER A 777 0.44 -30.89 -33.93
CA SER A 777 1.27 -31.82 -34.68
C SER A 777 1.05 -31.39 -36.10
N LEU A 778 -0.16 -31.62 -36.57
CA LEU A 778 -0.59 -31.16 -37.86
C LEU A 778 -0.02 -29.75 -38.16
N GLY A 779 1.10 -29.79 -38.88
CA GLY A 779 1.84 -28.63 -39.29
C GLY A 779 3.30 -29.01 -39.40
N ILE A 780 3.90 -28.70 -40.55
CA ILE A 780 5.34 -28.74 -40.71
C ILE A 780 5.84 -27.36 -40.26
N ASP A 781 5.22 -26.82 -39.21
CA ASP A 781 5.56 -25.47 -38.80
C ASP A 781 6.89 -25.53 -38.12
N THR A 782 7.63 -24.43 -38.15
CA THR A 782 8.96 -24.41 -37.56
C THR A 782 9.39 -22.98 -37.12
N GLU A 783 10.56 -22.87 -36.48
CA GLU A 783 11.19 -21.58 -36.22
C GLU A 783 11.84 -21.08 -37.50
N ALA A 784 11.75 -21.88 -38.55
CA ALA A 784 12.18 -21.43 -39.86
C ALA A 784 11.46 -20.12 -40.18
N VAL A 785 10.15 -20.08 -39.96
CA VAL A 785 9.39 -18.89 -40.26
C VAL A 785 9.84 -17.70 -39.41
N ALA A 786 10.20 -17.96 -38.16
CA ALA A 786 10.79 -16.92 -37.34
C ALA A 786 12.04 -16.30 -37.99
N TRP A 787 12.96 -17.11 -38.49
CA TRP A 787 14.20 -16.54 -39.07
C TRP A 787 13.97 -15.84 -40.41
N GLU A 788 13.01 -16.35 -41.18
CA GLU A 788 12.62 -15.69 -42.41
C GLU A 788 12.25 -14.27 -42.03
N LYS A 789 11.20 -14.16 -41.21
CA LYS A 789 10.80 -12.88 -40.63
C LYS A 789 11.97 -12.04 -40.10
N PHE A 790 12.85 -12.68 -39.36
CA PHE A 790 14.01 -11.93 -38.87
C PHE A 790 14.87 -11.34 -39.99
N LEU A 791 15.04 -12.10 -41.07
CA LEU A 791 15.81 -11.63 -42.21
C LEU A 791 15.10 -10.56 -43.04
N ALA A 792 13.78 -10.67 -43.12
CA ALA A 792 12.97 -9.72 -43.86
C ALA A 792 13.04 -8.32 -43.26
N ALA A 793 13.12 -8.26 -41.93
CA ALA A 793 13.18 -6.99 -41.25
C ALA A 793 14.51 -6.33 -41.52
N GLU A 794 15.59 -7.10 -41.43
CA GLU A 794 16.91 -6.60 -41.76
C GLU A 794 16.99 -6.09 -43.18
N ALA A 795 16.32 -6.81 -44.09
CA ALA A 795 16.36 -6.44 -45.51
C ALA A 795 15.65 -5.11 -45.70
N GLU A 796 14.62 -4.90 -44.90
CA GLU A 796 13.85 -3.68 -44.94
C GLU A 796 14.64 -2.50 -44.37
N CYS A 797 15.51 -2.76 -43.40
CA CYS A 797 16.31 -1.71 -42.78
C CYS A 797 17.45 -1.38 -43.73
N ALA A 798 17.74 -2.32 -44.59
CA ALA A 798 18.79 -2.12 -45.57
C ALA A 798 18.30 -1.13 -46.61
N LEU A 799 17.05 -1.28 -47.04
CA LEU A 799 16.41 -0.33 -47.94
C LEU A 799 16.38 1.05 -47.32
N THR A 800 15.71 1.16 -46.19
CA THR A 800 15.50 2.46 -45.60
C THR A 800 16.82 3.12 -45.14
N ASN A 801 17.82 2.32 -44.80
CA ASN A 801 19.15 2.87 -44.57
C ASN A 801 19.77 3.56 -45.79
N ALA A 802 19.55 2.99 -46.96
CA ALA A 802 20.05 3.59 -48.18
C ALA A 802 19.22 4.82 -48.49
N ARG A 803 17.90 4.63 -48.53
CA ARG A 803 16.99 5.71 -48.87
C ARG A 803 17.17 6.96 -48.04
N LEU A 804 17.33 6.78 -46.73
CA LEU A 804 17.37 7.90 -45.79
C LEU A 804 18.73 8.58 -45.70
N TYR A 805 19.76 7.95 -46.27
CA TYR A 805 21.09 8.55 -46.35
C TYR A 805 21.35 9.05 -47.77
N ARG A 806 20.36 9.67 -48.40
CA ARG A 806 20.46 10.06 -49.81
C ARG A 806 19.21 10.79 -50.34
N PRO A 807 18.54 11.58 -49.48
CA PRO A 807 17.23 12.11 -49.91
C PRO A 807 17.32 13.39 -50.77
N ASP A 808 18.37 13.50 -51.58
CA ASP A 808 18.47 14.58 -52.58
C ASP A 808 17.76 14.10 -53.84
N TYR A 809 16.44 14.31 -53.87
CA TYR A 809 15.56 13.80 -54.92
C TYR A 809 15.80 14.43 -56.31
N SER A 810 16.35 15.64 -56.31
CA SER A 810 16.59 16.40 -57.53
C SER A 810 16.83 17.83 -57.07
N GLU A 811 15.89 18.31 -56.27
CA GLU A 811 15.88 19.70 -55.84
C GLU A 811 14.77 19.88 -54.80
N ASP A 812 14.79 21.02 -54.12
CA ASP A 812 13.83 21.32 -53.06
C ASP A 812 12.39 21.03 -53.49
N PHE A 813 12.01 21.58 -54.65
CA PHE A 813 10.70 21.37 -55.28
C PHE A 813 9.66 20.63 -54.41
N ASN A 814 9.85 19.32 -54.25
CA ASN A 814 8.89 18.48 -53.55
C ASN A 814 9.12 18.35 -52.04
N PHE A 815 8.05 18.48 -51.28
CA PHE A 815 8.10 18.41 -49.82
C PHE A 815 7.21 17.25 -49.37
N SER A 816 7.63 16.55 -48.32
CA SER A 816 6.92 15.35 -47.90
C SER A 816 6.59 15.33 -46.40
N LEU A 817 5.48 14.68 -46.06
CA LEU A 817 5.06 14.49 -44.68
C LEU A 817 6.15 13.81 -43.82
N GLY A 818 6.72 12.72 -44.32
CA GLY A 818 7.74 12.02 -43.59
C GLY A 818 8.95 12.88 -43.28
N GLU A 819 9.56 13.49 -44.30
CA GLU A 819 10.72 14.35 -44.10
C GLU A 819 10.41 15.35 -43.00
N SER A 820 9.22 15.96 -43.08
CA SER A 820 8.79 16.98 -42.14
C SER A 820 8.70 16.47 -40.71
N CYS A 821 7.99 15.35 -40.51
CA CYS A 821 7.95 14.72 -39.17
C CYS A 821 9.31 14.38 -38.58
N ILE A 822 10.23 13.90 -39.40
CA ILE A 822 11.56 13.60 -38.88
C ILE A 822 12.19 14.89 -38.35
N HIS A 823 12.03 15.99 -39.08
CA HIS A 823 12.57 17.27 -38.66
C HIS A 823 11.84 17.76 -37.41
N MET A 824 10.54 17.60 -37.41
CA MET A 824 9.81 18.05 -36.25
C MET A 824 10.15 17.18 -35.03
N ALA A 825 10.28 15.87 -35.24
CA ALA A 825 10.53 14.95 -34.15
C ALA A 825 11.94 15.12 -33.63
N ARG A 826 12.89 15.35 -34.53
CA ARG A 826 14.26 15.50 -34.12
C ARG A 826 14.31 16.57 -33.05
N ARG A 827 13.79 17.75 -33.39
CA ARG A 827 13.94 18.93 -32.56
C ARG A 827 13.32 18.73 -31.17
N LYS A 828 12.17 18.07 -31.16
CA LYS A 828 11.45 17.80 -29.92
C LYS A 828 12.22 16.77 -29.11
N ILE A 829 12.74 15.75 -29.80
CA ILE A 829 13.55 14.78 -29.10
C ILE A 829 14.72 15.46 -28.39
N ALA A 830 15.40 16.37 -29.06
CA ALA A 830 16.57 17.00 -28.47
C ALA A 830 16.17 17.73 -27.19
N LYS A 831 15.00 18.35 -27.23
CA LYS A 831 14.52 19.12 -26.10
C LYS A 831 14.28 18.22 -24.88
N LEU A 832 13.74 17.03 -25.13
CA LEU A 832 13.46 16.08 -24.07
C LEU A 832 14.72 15.40 -23.52
N ILE A 833 15.68 15.12 -24.38
CA ILE A 833 16.68 14.09 -24.10
C ILE A 833 18.08 14.58 -23.71
N GLY A 834 18.44 15.80 -24.12
CA GLY A 834 19.78 16.33 -23.91
C GLY A 834 20.63 16.12 -25.15
N ASP A 835 21.82 16.72 -25.19
CA ASP A 835 22.78 16.41 -26.25
C ASP A 835 23.37 15.05 -26.00
N VAL A 836 23.32 14.61 -24.75
CA VAL A 836 23.99 13.38 -24.38
C VAL A 836 23.49 12.86 -23.04
N PRO A 837 23.51 11.53 -22.86
CA PRO A 837 23.14 10.93 -21.56
C PRO A 837 24.04 11.37 -20.40
N SER A 838 23.46 12.08 -19.44
CA SER A 838 24.18 12.55 -18.24
C SER A 838 24.99 11.43 -17.60
N VAL A 839 26.06 11.79 -16.90
CA VAL A 839 26.85 10.77 -16.23
C VAL A 839 26.12 10.33 -14.97
N GLU A 840 25.42 11.27 -14.33
CA GLU A 840 24.59 10.93 -13.17
C GLU A 840 23.54 9.94 -13.60
N GLY A 841 22.84 10.28 -14.67
CA GLY A 841 21.77 9.44 -15.15
C GLY A 841 22.28 8.03 -15.34
N MET A 842 23.39 7.88 -16.04
CA MET A 842 23.89 6.56 -16.30
C MET A 842 24.38 5.88 -15.02
N LEU A 843 24.87 6.69 -14.09
CA LEU A 843 25.36 6.17 -12.84
C LEU A 843 24.24 5.69 -11.95
N ARG A 844 23.02 6.06 -12.25
CA ARG A 844 21.92 5.56 -11.43
C ARG A 844 21.06 4.52 -12.14
N HIS A 845 21.41 4.18 -13.37
CA HIS A 845 20.61 3.17 -14.06
C HIS A 845 21.39 1.95 -14.50
N CYS A 846 22.70 2.07 -14.69
CA CYS A 846 23.47 0.91 -15.10
C CYS A 846 23.43 -0.18 -14.05
N ARG A 847 23.33 -1.41 -14.50
CA ARG A 847 23.19 -2.53 -13.59
C ARG A 847 23.05 -3.79 -14.40
N PHE A 848 23.29 -4.92 -13.77
CA PHE A 848 23.10 -6.18 -14.44
C PHE A 848 21.73 -6.57 -14.05
N SER A 849 21.06 -7.27 -14.93
CA SER A 849 20.01 -8.08 -14.43
C SER A 849 19.63 -9.05 -15.47
N GLY A 850 19.62 -10.30 -14.98
CA GLY A 850 18.56 -11.23 -15.29
C GLY A 850 18.94 -12.64 -15.67
N GLY A 851 19.18 -12.79 -16.97
CA GLY A 851 19.33 -14.10 -17.53
C GLY A 851 20.64 -14.21 -18.24
N ALA A 852 20.65 -15.12 -19.21
CA ALA A 852 21.82 -15.53 -19.94
C ALA A 852 22.52 -14.34 -20.56
N THR A 853 23.84 -14.35 -20.49
CA THR A 853 24.62 -13.49 -21.35
C THR A 853 25.41 -14.38 -22.27
N THR A 854 26.33 -13.75 -22.99
CA THR A 854 27.13 -14.40 -23.99
C THR A 854 28.08 -15.36 -23.27
N THR A 855 28.33 -15.07 -21.99
CA THR A 855 29.23 -15.90 -21.18
C THR A 855 28.47 -16.74 -20.14
N ASN A 856 27.25 -16.34 -19.79
CA ASN A 856 26.46 -17.10 -18.80
C ASN A 856 25.20 -17.73 -19.37
N ASN A 857 24.92 -18.98 -18.98
CA ASN A 857 23.63 -19.56 -19.28
C ASN A 857 22.57 -19.16 -18.23
N ARG A 858 21.30 -19.42 -18.52
CA ARG A 858 20.20 -19.15 -17.58
C ARG A 858 20.53 -19.46 -16.12
N SER A 859 21.16 -20.60 -15.87
CA SER A 859 21.56 -21.01 -14.52
C SER A 859 22.42 -19.95 -13.84
N TYR A 860 23.31 -19.33 -14.59
CA TYR A 860 24.19 -18.33 -14.05
C TYR A 860 23.79 -16.90 -14.41
N GLY A 861 22.49 -16.70 -14.61
CA GLY A 861 21.96 -15.42 -15.00
C GLY A 861 21.83 -14.43 -13.86
N HIS A 862 21.83 -14.91 -12.62
CA HIS A 862 21.70 -14.01 -11.47
C HIS A 862 22.74 -12.91 -11.47
N PRO A 863 22.36 -11.69 -11.06
CA PRO A 863 23.36 -10.62 -11.03
C PRO A 863 24.70 -10.97 -10.33
N SER A 864 24.64 -11.82 -9.31
CA SER A 864 25.84 -12.13 -8.53
C SER A 864 26.83 -12.90 -9.37
N PHE A 865 26.31 -13.65 -10.32
CA PHE A 865 27.16 -14.40 -11.23
C PHE A 865 27.77 -13.51 -12.31
N LYS A 866 27.09 -12.42 -12.68
CA LYS A 866 27.63 -11.47 -13.65
C LYS A 866 28.82 -10.71 -13.02
N PHE A 867 28.77 -10.53 -11.71
CA PHE A 867 29.87 -9.85 -11.01
C PHE A 867 31.07 -10.78 -10.71
N ALA A 868 30.78 -12.07 -10.60
CA ALA A 868 31.76 -13.06 -10.21
C ALA A 868 32.38 -13.75 -11.44
N LEU A 869 31.78 -13.56 -12.61
CA LEU A 869 32.27 -14.21 -13.81
C LEU A 869 32.49 -13.12 -14.84
N PRO A 870 33.65 -13.14 -15.51
CA PRO A 870 33.96 -12.13 -16.52
C PRO A 870 32.90 -12.08 -17.63
N GLN A 871 32.47 -10.88 -17.94
CA GLN A 871 31.44 -10.73 -18.93
C GLN A 871 32.10 -10.31 -20.24
N ALA A 872 31.53 -10.71 -21.35
CA ALA A 872 32.02 -10.30 -22.64
C ALA A 872 31.67 -8.84 -22.85
N CYS A 873 32.36 -8.21 -23.78
CA CYS A 873 32.03 -6.85 -24.12
C CYS A 873 32.46 -6.53 -25.54
N THR A 874 31.98 -5.39 -26.00
CA THR A 874 32.04 -5.05 -27.39
C THR A 874 33.25 -4.16 -27.61
N PRO A 875 33.78 -4.14 -28.82
CA PRO A 875 34.98 -3.30 -28.97
C PRO A 875 34.66 -1.85 -28.59
N ARG A 876 33.52 -1.31 -29.02
CA ARG A 876 33.23 0.11 -28.74
C ARG A 876 32.77 0.37 -27.32
N ALA A 877 32.42 -0.69 -26.59
CA ALA A 877 31.91 -0.59 -25.23
C ALA A 877 32.98 -0.68 -24.16
N LEU A 878 34.17 -1.18 -24.55
CA LEU A 878 35.30 -1.34 -23.63
C LEU A 878 35.61 -0.14 -22.71
N LYS A 879 35.55 1.07 -23.27
CA LYS A 879 35.85 2.26 -22.49
C LYS A 879 34.92 2.45 -21.30
N TYR A 880 33.66 2.03 -21.49
CA TYR A 880 32.67 2.08 -20.42
C TYR A 880 33.09 1.14 -19.30
N VAL A 881 33.39 -0.12 -19.64
CA VAL A 881 33.90 -1.06 -18.66
C VAL A 881 35.12 -0.50 -17.91
N LEU A 882 36.03 0.14 -18.64
CA LEU A 882 37.27 0.63 -18.02
C LEU A 882 36.95 1.74 -17.05
N ALA A 883 36.00 2.58 -17.42
CA ALA A 883 35.55 3.69 -16.59
C ALA A 883 34.91 3.12 -15.31
N LEU A 884 34.15 2.05 -15.47
CA LEU A 884 33.65 1.32 -14.33
C LEU A 884 34.81 0.78 -13.50
N ARG A 885 35.81 0.19 -14.17
CA ARG A 885 36.91 -0.46 -13.45
C ARG A 885 37.73 0.55 -12.65
N ALA A 886 37.71 1.79 -13.13
CA ALA A 886 38.51 2.84 -12.53
C ALA A 886 37.83 3.46 -11.32
N SER A 887 36.55 3.17 -11.14
CA SER A 887 35.75 3.84 -10.13
C SER A 887 35.57 2.94 -8.93
N THR A 888 36.04 1.70 -9.03
CA THR A 888 35.95 0.77 -7.92
C THR A 888 37.25 -0.02 -7.68
N HIS A 889 37.47 -0.34 -6.41
CA HIS A 889 38.62 -1.14 -6.00
C HIS A 889 38.35 -2.60 -6.22
N PHE A 890 37.08 -2.96 -6.38
CA PHE A 890 36.73 -4.33 -6.72
C PHE A 890 37.20 -4.62 -8.13
N ASP A 891 37.50 -5.88 -8.39
CA ASP A 891 37.89 -6.35 -9.72
C ASP A 891 36.76 -6.33 -10.70
N ILE A 892 37.02 -5.71 -11.85
CA ILE A 892 36.07 -5.62 -12.93
C ILE A 892 36.72 -6.23 -14.13
N ARG A 893 36.31 -7.44 -14.49
CA ARG A 893 37.06 -8.14 -15.52
C ARG A 893 36.24 -8.36 -16.79
N ILE A 894 36.88 -8.26 -17.95
CA ILE A 894 36.21 -8.71 -19.17
C ILE A 894 36.74 -10.05 -19.73
N SER A 895 35.84 -10.90 -20.16
CA SER A 895 36.22 -12.25 -20.48
C SER A 895 36.78 -12.33 -21.89
N ASP A 896 36.10 -11.64 -22.80
CA ASP A 896 36.49 -11.59 -24.21
C ASP A 896 35.94 -10.29 -24.79
N ILE A 897 36.58 -9.80 -25.83
CA ILE A 897 36.13 -8.58 -26.42
C ILE A 897 35.72 -8.84 -27.88
N SER A 898 34.51 -9.37 -28.09
CA SER A 898 33.94 -9.50 -29.44
C SER A 898 32.73 -8.59 -29.75
N PRO A 899 32.44 -8.42 -31.05
CA PRO A 899 31.34 -7.57 -31.50
C PRO A 899 30.06 -8.37 -31.75
N PHE A 900 30.05 -9.65 -31.40
CA PHE A 900 28.87 -10.49 -31.60
C PHE A 900 27.89 -10.64 -30.42
N ASN A 901 26.60 -10.65 -30.74
CA ASN A 901 25.61 -11.17 -29.83
C ASN A 901 25.15 -12.49 -30.38
N LYS A 902 24.31 -13.20 -29.64
CA LYS A 902 23.90 -14.55 -29.98
C LYS A 902 22.40 -14.57 -30.32
N ALA A 903 22.07 -14.76 -31.58
CA ALA A 903 20.67 -14.71 -31.98
C ALA A 903 20.02 -16.06 -31.80
N VAL A 904 18.97 -16.11 -31.00
CA VAL A 904 18.25 -17.34 -30.79
C VAL A 904 16.78 -17.14 -30.98
N THR A 905 16.05 -18.22 -30.79
CA THR A 905 14.64 -18.26 -31.08
C THR A 905 13.90 -18.51 -29.78
N VAL A 906 12.68 -18.01 -29.70
CA VAL A 906 11.92 -18.01 -28.47
C VAL A 906 10.48 -18.14 -28.88
N PRO A 907 9.68 -18.82 -28.06
CA PRO A 907 8.29 -19.15 -28.42
C PRO A 907 7.43 -17.91 -28.65
N LYS A 908 6.39 -18.01 -29.49
CA LYS A 908 5.45 -16.92 -29.71
C LYS A 908 4.02 -17.37 -30.01
N ASN A 909 3.79 -17.85 -31.23
CA ASN A 909 2.47 -18.29 -31.69
C ASN A 909 2.55 -19.72 -32.06
N SER A 910 1.39 -20.29 -32.33
CA SER A 910 1.29 -21.60 -32.93
C SER A 910 1.99 -21.62 -34.28
N LYS A 911 2.24 -20.44 -34.86
CA LYS A 911 2.81 -20.43 -36.21
C LYS A 911 4.15 -19.72 -36.44
N THR A 912 4.76 -19.19 -35.40
CA THR A 912 6.10 -18.66 -35.52
C THR A 912 6.69 -18.37 -34.15
N ASP A 913 8.01 -18.48 -34.04
CA ASP A 913 8.71 -18.13 -32.83
C ASP A 913 9.13 -16.67 -32.98
N ARG A 914 9.95 -16.17 -32.08
CA ARG A 914 10.41 -14.78 -32.16
C ARG A 914 11.92 -14.76 -31.97
N CYS A 915 12.63 -14.14 -32.91
CA CYS A 915 14.09 -14.10 -32.86
C CYS A 915 14.61 -13.06 -31.88
N ILE A 916 15.35 -13.55 -30.89
CA ILE A 916 15.84 -12.75 -29.80
C ILE A 916 17.35 -12.73 -29.97
N ALA A 917 18.05 -11.85 -29.29
CA ALA A 917 19.49 -12.00 -29.23
C ALA A 917 19.94 -11.80 -27.79
N ILE A 918 20.89 -12.64 -27.38
CA ILE A 918 21.47 -12.58 -26.06
C ILE A 918 22.69 -11.69 -26.14
N GLU A 919 22.82 -10.74 -25.24
CA GLU A 919 23.91 -9.77 -25.35
C GLU A 919 25.13 -10.20 -24.52
N PRO A 920 26.26 -9.53 -24.77
CA PRO A 920 27.43 -9.55 -23.90
C PRO A 920 27.11 -8.80 -22.60
N GLY A 921 27.47 -9.41 -21.48
CA GLY A 921 27.11 -8.91 -20.17
C GLY A 921 27.39 -7.45 -19.93
N TRP A 922 28.59 -7.00 -20.28
CA TRP A 922 28.97 -5.62 -20.00
C TRP A 922 28.19 -4.61 -20.83
N ASN A 923 27.94 -4.96 -22.08
CA ASN A 923 27.04 -4.18 -22.91
C ASN A 923 25.64 -4.05 -22.30
N MET A 924 25.09 -5.18 -21.84
CA MET A 924 23.81 -5.18 -21.16
C MET A 924 23.84 -4.22 -19.98
N PHE A 925 24.88 -4.34 -19.17
CA PHE A 925 25.03 -3.50 -17.98
C PHE A 925 24.82 -2.04 -18.37
N PHE A 926 25.34 -1.61 -19.52
CA PHE A 926 25.23 -0.20 -19.87
C PHE A 926 23.97 0.12 -20.66
N GLN A 927 23.54 -0.79 -21.52
CA GLN A 927 22.26 -0.62 -22.19
C GLN A 927 21.13 -0.33 -21.21
N LEU A 928 21.16 -0.97 -20.03
CA LEU A 928 20.12 -0.70 -19.05
C LEU A 928 20.28 0.71 -18.46
N GLY A 929 21.52 1.21 -18.38
CA GLY A 929 21.71 2.59 -18.01
C GLY A 929 20.93 3.55 -18.91
N ILE A 930 21.06 3.42 -20.23
CA ILE A 930 20.38 4.35 -21.08
C ILE A 930 18.87 4.08 -21.11
N GLY A 931 18.49 2.81 -21.03
CA GLY A 931 17.09 2.43 -20.96
C GLY A 931 16.36 3.04 -19.77
N GLY A 932 17.08 3.14 -18.65
CA GLY A 932 16.59 3.75 -17.43
C GLY A 932 16.53 5.27 -17.53
N ILE A 933 17.51 5.91 -18.19
CA ILE A 933 17.37 7.35 -18.38
C ILE A 933 16.25 7.70 -19.39
N LEU A 934 16.19 7.00 -20.52
CA LEU A 934 15.04 7.22 -21.41
C LEU A 934 13.70 7.04 -20.68
N ARG A 935 13.63 6.04 -19.80
CA ARG A 935 12.39 5.79 -19.10
C ARG A 935 11.96 7.02 -18.33
N ASP A 936 12.91 7.64 -17.65
CA ASP A 936 12.60 8.80 -16.83
C ASP A 936 12.15 9.92 -17.71
N ARG A 937 12.92 10.18 -18.76
CA ARG A 937 12.66 11.34 -19.61
C ARG A 937 11.25 11.24 -20.22
N LEU A 938 10.94 10.11 -20.83
CA LEU A 938 9.61 9.86 -21.36
C LEU A 938 8.47 10.27 -20.42
N ARG A 939 8.73 10.31 -19.12
CA ARG A 939 7.70 10.72 -18.19
C ARG A 939 7.26 12.14 -18.45
N CYS A 940 8.13 12.93 -19.05
CA CYS A 940 7.80 14.32 -19.38
C CYS A 940 6.88 14.45 -20.60
N TRP A 941 6.74 13.37 -21.37
CA TRP A 941 5.79 13.35 -22.47
C TRP A 941 4.55 12.59 -22.06
N GLY A 942 4.35 12.41 -20.76
CA GLY A 942 3.17 11.71 -20.28
C GLY A 942 3.26 10.21 -20.49
N ILE A 943 4.42 9.74 -20.95
CA ILE A 943 4.59 8.31 -21.16
C ILE A 943 5.18 7.63 -19.93
N ASP A 944 4.44 6.67 -19.38
CA ASP A 944 4.88 5.95 -18.20
C ASP A 944 5.02 4.46 -18.47
N LEU A 945 6.26 4.02 -18.69
CA LEU A 945 6.57 2.63 -19.02
C LEU A 945 6.60 1.71 -17.78
N ASN A 946 5.96 2.12 -16.70
CA ASN A 946 5.79 1.24 -15.55
C ASN A 946 4.35 0.83 -15.42
N ASP A 947 3.48 1.50 -16.14
CA ASP A 947 2.06 1.31 -15.95
C ASP A 947 1.32 1.00 -17.26
N GLN A 948 1.18 -0.28 -17.58
CA GLN A 948 0.43 -0.67 -18.76
C GLN A 948 -1.05 -0.33 -18.57
N THR A 949 -1.39 -0.03 -17.33
CA THR A 949 -2.76 0.18 -16.94
C THR A 949 -3.36 1.44 -17.57
N ILE A 950 -2.51 2.44 -17.79
CA ILE A 950 -2.98 3.62 -18.48
C ILE A 950 -3.31 3.34 -19.95
N ASN A 951 -2.53 2.51 -20.66
CA ASN A 951 -2.94 2.13 -22.01
C ASN A 951 -4.23 1.29 -22.08
N GLN A 952 -4.46 0.46 -21.08
CA GLN A 952 -5.65 -0.37 -21.12
C GLN A 952 -6.89 0.49 -21.06
N ARG A 953 -6.83 1.57 -20.29
CA ARG A 953 -8.01 2.39 -20.11
C ARG A 953 -8.31 3.23 -21.32
N ARG A 954 -7.29 3.72 -21.99
CA ARG A 954 -7.53 4.44 -23.24
C ARG A 954 -8.01 3.47 -24.32
N ALA A 955 -7.63 2.21 -24.26
CA ALA A 955 -8.20 1.27 -25.21
C ALA A 955 -9.71 1.13 -24.94
N HIS A 956 -10.10 1.12 -23.66
CA HIS A 956 -11.51 0.98 -23.29
C HIS A 956 -12.31 2.20 -23.77
N GLU A 957 -11.78 3.36 -23.45
CA GLU A 957 -12.30 4.62 -23.95
C GLU A 957 -12.47 4.62 -25.47
N GLY A 958 -11.44 4.22 -26.20
CA GLY A 958 -11.46 4.26 -27.64
C GLY A 958 -12.57 3.41 -28.21
N SER A 959 -12.91 2.32 -27.52
CA SER A 959 -13.90 1.37 -28.04
C SER A 959 -15.32 1.87 -27.78
N VAL A 960 -15.47 2.76 -26.81
CA VAL A 960 -16.76 3.38 -26.61
C VAL A 960 -16.85 4.70 -27.40
N THR A 961 -15.75 5.42 -27.42
CA THR A 961 -15.72 6.78 -27.93
C THR A 961 -15.39 6.88 -29.41
N ASN A 962 -14.66 5.88 -29.90
CA ASN A 962 -14.08 5.92 -31.24
C ASN A 962 -13.19 7.10 -31.58
N ASN A 963 -12.83 7.92 -30.59
CA ASN A 963 -11.91 9.02 -30.88
C ASN A 963 -10.43 8.72 -30.76
N LEU A 964 -10.07 7.63 -30.07
CA LEU A 964 -8.69 7.19 -29.98
C LEU A 964 -8.51 5.92 -30.75
N ALA A 965 -7.41 5.80 -31.47
CA ALA A 965 -7.10 4.55 -32.16
C ALA A 965 -5.99 3.81 -31.42
N THR A 966 -5.98 2.49 -31.55
CA THR A 966 -4.87 1.67 -31.05
C THR A 966 -4.10 1.12 -32.24
N VAL A 967 -2.82 1.49 -32.39
CA VAL A 967 -2.12 1.01 -33.58
C VAL A 967 -1.00 0.05 -33.28
N ASP A 968 -0.75 -0.88 -34.19
CA ASP A 968 0.34 -1.83 -34.02
C ASP A 968 1.31 -1.80 -35.19
N LEU A 969 2.59 -1.92 -34.89
CA LEU A 969 3.60 -2.00 -35.94
C LEU A 969 3.98 -3.45 -36.17
N SER A 970 4.44 -3.80 -37.36
CA SER A 970 4.71 -5.20 -37.69
C SER A 970 5.96 -5.85 -37.09
N ALA A 971 7.12 -5.34 -37.37
CA ALA A 971 8.26 -5.92 -36.65
C ALA A 971 8.80 -4.76 -35.82
N ALA A 972 7.99 -4.35 -34.86
CA ALA A 972 8.15 -3.05 -34.26
C ALA A 972 9.60 -2.59 -34.12
N SER A 973 10.38 -3.27 -33.30
CA SER A 973 11.73 -2.82 -33.03
C SER A 973 12.72 -3.32 -34.09
N ASP A 974 12.52 -4.55 -34.56
CA ASP A 974 13.34 -5.08 -35.64
C ASP A 974 13.35 -4.17 -36.89
N SER A 975 12.41 -3.23 -36.99
CA SER A 975 12.33 -2.37 -38.19
C SER A 975 12.94 -0.97 -38.03
N ILE A 976 13.34 -0.63 -36.82
CA ILE A 976 13.97 0.66 -36.54
C ILE A 976 15.41 0.64 -37.04
N SER A 977 15.65 1.25 -38.20
CA SER A 977 16.94 1.14 -38.88
C SER A 977 17.93 2.09 -38.28
N LEU A 978 19.22 1.83 -38.50
CA LEU A 978 20.27 2.77 -38.09
C LEU A 978 20.02 4.19 -38.54
N ALA A 979 19.66 4.34 -39.82
CA ALA A 979 19.49 5.65 -40.46
C ALA A 979 18.43 6.47 -39.74
N LEU A 980 17.26 5.86 -39.52
CA LEU A 980 16.17 6.58 -38.87
C LEU A 980 16.64 7.09 -37.52
N CYS A 981 17.34 6.22 -36.85
CA CYS A 981 17.76 6.51 -35.52
C CYS A 981 18.80 7.64 -35.51
N GLU A 982 19.64 7.65 -36.53
CA GLU A 982 20.69 8.67 -36.61
C GLU A 982 20.14 10.08 -36.91
N LEU A 983 19.02 10.13 -37.64
CA LEU A 983 18.33 11.37 -37.99
C LEU A 983 17.51 11.95 -36.86
N LEU A 984 17.09 11.13 -35.91
CA LEU A 984 16.18 11.56 -34.86
C LEU A 984 16.92 11.98 -33.59
N LEU A 985 18.00 11.25 -33.27
CA LEU A 985 18.65 11.46 -31.97
C LEU A 985 19.81 12.46 -32.01
N PRO A 986 20.03 13.17 -30.90
CA PRO A 986 21.24 13.99 -30.90
C PRO A 986 22.48 13.12 -31.20
N PRO A 987 23.44 13.65 -31.97
CA PRO A 987 24.70 12.95 -32.25
C PRO A 987 25.34 12.37 -30.99
N GLY A 988 25.33 13.11 -29.88
CA GLY A 988 25.83 12.59 -28.62
C GLY A 988 25.16 11.26 -28.26
N TRP A 989 23.83 11.21 -28.35
CA TRP A 989 23.11 10.00 -28.02
C TRP A 989 23.34 8.91 -29.04
N PHE A 990 23.45 9.30 -30.29
CA PHE A 990 23.60 8.27 -31.30
C PHE A 990 24.94 7.55 -31.14
N GLU A 991 26.01 8.30 -30.93
CA GLU A 991 27.30 7.65 -30.71
C GLU A 991 27.27 6.68 -29.51
N VAL A 992 26.66 7.13 -28.40
CA VAL A 992 26.58 6.28 -27.24
C VAL A 992 25.77 5.02 -27.56
N LEU A 993 24.67 5.18 -28.29
CA LEU A 993 23.90 4.00 -28.68
C LEU A 993 24.74 3.07 -29.54
N MET A 994 25.64 3.66 -30.33
CA MET A 994 26.47 2.89 -31.25
C MET A 994 27.61 2.17 -30.51
N ASP A 995 28.13 2.82 -29.47
CA ASP A 995 29.08 2.17 -28.58
C ASP A 995 28.44 0.98 -27.89
N LEU A 996 27.17 1.11 -27.52
CA LEU A 996 26.54 0.15 -26.62
C LEU A 996 25.83 -1.02 -27.31
N ARG A 997 25.41 -0.85 -28.56
CA ARG A 997 24.76 -1.97 -29.21
C ARG A 997 25.74 -3.09 -29.60
N SER A 998 25.20 -4.27 -29.88
CA SER A 998 25.93 -5.31 -30.59
C SER A 998 25.76 -5.09 -32.08
N PRO A 999 26.87 -4.76 -32.77
CA PRO A 999 26.95 -4.54 -34.21
C PRO A 999 26.75 -5.80 -35.03
N LYS A 1000 27.13 -6.95 -34.48
CA LYS A 1000 26.95 -8.21 -35.20
C LYS A 1000 26.22 -9.30 -34.42
N GLY A 1001 25.66 -10.25 -35.13
CA GLY A 1001 25.01 -11.37 -34.49
C GLY A 1001 25.44 -12.66 -35.14
N ARG A 1002 25.71 -13.68 -34.34
CA ARG A 1002 25.93 -15.01 -34.87
C ARG A 1002 24.71 -15.87 -34.67
N LEU A 1003 24.18 -16.41 -35.77
CA LEU A 1003 22.96 -17.23 -35.69
C LEU A 1003 23.29 -18.70 -35.36
N PRO A 1004 22.25 -19.52 -35.15
CA PRO A 1004 22.46 -20.95 -34.88
C PRO A 1004 23.16 -21.62 -36.05
N ASP A 1005 22.97 -21.08 -37.26
CA ASP A 1005 23.70 -21.50 -38.46
C ASP A 1005 25.22 -21.47 -38.29
N GLY A 1006 25.69 -20.54 -37.46
CA GLY A 1006 27.10 -20.16 -37.48
C GLY A 1006 27.25 -18.94 -38.35
N SER A 1007 26.24 -18.67 -39.20
CA SER A 1007 26.22 -17.49 -40.06
C SER A 1007 26.19 -16.19 -39.27
N VAL A 1008 26.73 -15.13 -39.87
CA VAL A 1008 26.73 -13.81 -39.26
C VAL A 1008 25.70 -12.88 -39.89
N VAL A 1009 25.34 -11.85 -39.13
CA VAL A 1009 24.64 -10.70 -39.66
C VAL A 1009 25.31 -9.47 -39.10
N THR A 1010 25.50 -8.49 -39.97
CA THR A 1010 25.89 -7.16 -39.53
C THR A 1010 24.63 -6.33 -39.48
N TYR A 1011 24.26 -5.89 -38.29
CA TYR A 1011 22.95 -5.32 -38.09
C TYR A 1011 22.69 -4.04 -38.88
N GLU A 1012 21.56 -4.09 -39.56
CA GLU A 1012 21.00 -3.01 -40.31
C GLU A 1012 20.08 -2.22 -39.37
N LYS A 1013 19.45 -2.93 -38.43
CA LYS A 1013 18.62 -2.29 -37.42
C LYS A 1013 19.53 -1.71 -36.35
N ILE A 1014 19.02 -0.75 -35.58
CA ILE A 1014 19.82 -0.06 -34.60
C ILE A 1014 20.08 -1.02 -33.45
N SER A 1015 19.11 -1.89 -33.18
CA SER A 1015 19.29 -2.87 -32.12
C SER A 1015 18.19 -3.93 -32.16
N SER A 1016 18.48 -5.06 -31.51
CA SER A 1016 17.66 -6.25 -31.64
C SER A 1016 16.87 -6.44 -30.36
N MET A 1017 15.81 -7.21 -30.43
CA MET A 1017 15.07 -7.56 -29.24
C MET A 1017 16.01 -8.31 -28.31
N GLY A 1018 16.22 -7.79 -27.10
CA GLY A 1018 17.09 -8.44 -26.14
C GLY A 1018 18.09 -7.46 -25.61
N ASN A 1019 18.29 -6.38 -26.36
CA ASN A 1019 19.10 -5.25 -25.93
C ASN A 1019 18.50 -4.54 -24.70
N GLY A 1020 19.32 -3.89 -23.91
CA GLY A 1020 18.83 -3.30 -22.67
C GLY A 1020 18.15 -1.94 -22.80
N TYR A 1021 18.02 -1.45 -24.03
CA TYR A 1021 17.36 -0.17 -24.29
C TYR A 1021 16.43 -0.19 -25.50
N THR A 1022 16.41 -1.31 -26.25
CA THR A 1022 15.63 -1.33 -27.47
C THR A 1022 14.17 -0.96 -27.16
N PHE A 1023 13.62 -1.49 -26.08
CA PHE A 1023 12.25 -1.18 -25.69
C PHE A 1023 11.96 0.31 -25.47
N GLU A 1024 12.71 0.95 -24.56
CA GLU A 1024 12.54 2.37 -24.25
C GLU A 1024 12.83 3.25 -25.46
N LEU A 1025 13.81 2.82 -26.25
CA LEU A 1025 14.17 3.53 -27.47
C LEU A 1025 13.03 3.44 -28.45
N GLU A 1026 12.40 2.28 -28.55
CA GLU A 1026 11.36 2.19 -29.57
C GLU A 1026 10.16 3.02 -29.13
N SER A 1027 9.91 3.01 -27.83
CA SER A 1027 8.88 3.85 -27.24
C SER A 1027 9.12 5.32 -27.57
N LEU A 1028 10.35 5.79 -27.39
CA LEU A 1028 10.67 7.17 -27.75
C LEU A 1028 10.50 7.50 -29.27
N ILE A 1029 11.07 6.67 -30.14
CA ILE A 1029 10.93 6.90 -31.57
C ILE A 1029 9.44 7.01 -31.94
N PHE A 1030 8.64 6.05 -31.50
CA PHE A 1030 7.22 6.01 -31.88
C PHE A 1030 6.44 7.21 -31.34
N ALA A 1031 6.67 7.54 -30.06
CA ALA A 1031 6.03 8.70 -29.47
C ALA A 1031 6.40 9.98 -30.23
N SER A 1032 7.68 10.17 -30.51
CA SER A 1032 8.07 11.40 -31.14
C SER A 1032 7.39 11.52 -32.51
N LEU A 1033 7.31 10.42 -33.26
CA LEU A 1033 6.66 10.47 -34.56
C LEU A 1033 5.17 10.81 -34.42
N ALA A 1034 4.48 10.08 -33.58
CA ALA A 1034 3.06 10.28 -33.42
C ALA A 1034 2.80 11.71 -32.93
N ARG A 1035 3.56 12.14 -31.92
CA ARG A 1035 3.43 13.52 -31.43
C ARG A 1035 3.64 14.53 -32.54
N SER A 1036 4.64 14.30 -33.37
CA SER A 1036 4.89 15.21 -34.49
C SER A 1036 3.72 15.22 -35.47
N VAL A 1037 3.12 14.06 -35.69
CA VAL A 1037 1.97 13.97 -36.57
C VAL A 1037 0.82 14.77 -36.00
N CYS A 1038 0.56 14.61 -34.71
CA CYS A 1038 -0.41 15.47 -34.01
C CYS A 1038 -0.21 16.97 -34.24
N GLU A 1039 0.99 17.47 -33.96
CA GLU A 1039 1.25 18.89 -34.16
C GLU A 1039 0.99 19.30 -35.60
N ILE A 1040 1.46 18.51 -36.54
CA ILE A 1040 1.26 18.84 -37.94
C ILE A 1040 -0.23 18.92 -38.30
N LEU A 1041 -1.08 18.14 -37.60
CA LEU A 1041 -2.52 18.12 -37.88
C LEU A 1041 -3.35 18.99 -36.94
N ASP A 1042 -2.70 19.64 -35.99
CA ASP A 1042 -3.34 20.55 -35.07
C ASP A 1042 -4.14 19.80 -33.99
N LEU A 1043 -3.68 18.59 -33.65
CA LEU A 1043 -4.17 17.87 -32.47
C LEU A 1043 -3.21 18.06 -31.30
N ASP A 1044 -3.70 17.79 -30.11
CA ASP A 1044 -2.86 17.90 -28.95
C ASP A 1044 -1.89 16.69 -28.87
N SER A 1045 -0.60 16.98 -28.78
CA SER A 1045 0.38 15.93 -28.62
C SER A 1045 0.10 15.02 -27.41
N SER A 1046 -0.49 15.57 -26.35
CA SER A 1046 -0.72 14.85 -25.10
C SER A 1046 -1.67 13.69 -25.26
N GLU A 1047 -2.41 13.72 -26.35
CA GLU A 1047 -3.34 12.68 -26.66
C GLU A 1047 -2.57 11.42 -27.13
N VAL A 1048 -1.25 11.55 -27.22
CA VAL A 1048 -0.41 10.45 -27.68
C VAL A 1048 0.15 9.70 -26.50
N THR A 1049 0.07 8.39 -26.58
CA THR A 1049 0.47 7.56 -25.49
C THR A 1049 1.10 6.28 -26.06
N VAL A 1050 2.19 5.82 -25.46
CA VAL A 1050 2.95 4.70 -26.02
C VAL A 1050 3.54 3.79 -24.95
N TYR A 1051 3.30 2.49 -25.09
CA TYR A 1051 3.99 1.47 -24.32
C TYR A 1051 4.64 0.51 -25.33
N GLY A 1052 5.93 0.72 -25.59
CA GLY A 1052 6.63 -0.08 -26.56
C GLY A 1052 6.01 0.12 -27.91
N ASP A 1053 5.30 -0.88 -28.41
CA ASP A 1053 4.73 -0.69 -29.72
C ASP A 1053 3.21 -0.53 -29.70
N ASP A 1054 2.63 -0.57 -28.50
CA ASP A 1054 1.21 -0.25 -28.29
C ASP A 1054 1.04 1.26 -28.32
N ILE A 1055 0.65 1.75 -29.47
CA ILE A 1055 0.50 3.17 -29.68
C ILE A 1055 -0.98 3.54 -29.59
N ILE A 1056 -1.24 4.66 -28.96
CA ILE A 1056 -2.57 5.21 -28.90
C ILE A 1056 -2.49 6.70 -29.19
N LEU A 1057 -3.23 7.14 -30.20
CA LEU A 1057 -3.31 8.54 -30.52
C LEU A 1057 -4.69 8.76 -31.17
N PRO A 1058 -5.11 10.04 -31.35
CA PRO A 1058 -6.44 10.31 -31.92
C PRO A 1058 -6.68 9.64 -33.26
N SER A 1059 -7.89 9.14 -33.44
CA SER A 1059 -8.24 8.37 -34.65
C SER A 1059 -7.94 9.12 -35.94
N CYS A 1060 -8.20 10.42 -35.96
CA CYS A 1060 -7.95 11.25 -37.16
C CYS A 1060 -6.49 11.30 -37.58
N ALA A 1061 -5.58 11.01 -36.66
CA ALA A 1061 -4.16 11.09 -36.96
C ALA A 1061 -3.64 9.86 -37.70
N VAL A 1062 -4.46 8.82 -37.78
CA VAL A 1062 -3.95 7.53 -38.24
C VAL A 1062 -3.51 7.52 -39.71
N PRO A 1063 -4.35 8.04 -40.61
CA PRO A 1063 -3.86 7.96 -41.99
C PRO A 1063 -2.50 8.67 -42.19
N ALA A 1064 -2.30 9.80 -41.52
CA ALA A 1064 -1.05 10.53 -41.62
C ALA A 1064 0.10 9.77 -40.94
N LEU A 1065 -0.18 9.17 -39.79
CA LEU A 1065 0.79 8.32 -39.08
C LEU A 1065 1.19 7.11 -39.92
N ARG A 1066 0.21 6.47 -40.53
CA ARG A 1066 0.49 5.40 -41.50
C ARG A 1066 1.45 5.88 -42.58
N GLU A 1067 1.21 7.09 -43.09
CA GLU A 1067 2.05 7.63 -44.15
C GLU A 1067 3.47 7.90 -43.64
N VAL A 1068 3.59 8.53 -42.49
CA VAL A 1068 4.89 8.76 -41.86
C VAL A 1068 5.62 7.44 -41.64
N PHE A 1069 4.91 6.49 -41.04
CA PHE A 1069 5.47 5.17 -40.76
C PHE A 1069 6.02 4.48 -41.99
N LYS A 1070 5.24 4.48 -43.07
CA LYS A 1070 5.68 3.93 -44.35
C LYS A 1070 6.99 4.59 -44.72
N TYR A 1071 7.05 5.90 -44.58
CA TYR A 1071 8.23 6.65 -45.02
C TYR A 1071 9.48 6.29 -44.24
N VAL A 1072 9.36 5.92 -42.98
CA VAL A 1072 10.58 5.84 -42.20
C VAL A 1072 11.05 4.42 -42.08
N GLY A 1073 10.37 3.53 -42.79
CA GLY A 1073 10.83 2.16 -42.89
C GLY A 1073 9.92 1.15 -42.20
N PHE A 1074 8.96 1.65 -41.42
CA PHE A 1074 8.07 0.78 -40.66
C PHE A 1074 6.99 0.20 -41.55
N THR A 1075 6.32 -0.82 -41.03
CA THR A 1075 5.12 -1.28 -41.69
C THR A 1075 4.01 -1.54 -40.65
N THR A 1076 2.93 -0.79 -40.74
CA THR A 1076 1.93 -0.91 -39.69
C THR A 1076 1.13 -2.21 -39.84
N ASN A 1077 0.89 -2.89 -38.73
CA ASN A 1077 0.16 -4.14 -38.71
C ASN A 1077 -1.34 -3.96 -38.91
N THR A 1078 -1.75 -3.79 -40.15
CA THR A 1078 -3.14 -3.51 -40.47
C THR A 1078 -4.14 -4.43 -39.76
N LYS A 1079 -3.73 -5.65 -39.45
CA LYS A 1079 -4.65 -6.58 -38.79
C LYS A 1079 -4.86 -6.23 -37.32
N LYS A 1080 -3.84 -5.67 -36.69
CA LYS A 1080 -3.87 -5.41 -35.26
C LYS A 1080 -4.01 -3.91 -34.94
N THR A 1081 -4.36 -3.12 -35.94
CA THR A 1081 -4.57 -1.70 -35.66
C THR A 1081 -6.04 -1.40 -35.91
N PHE A 1082 -6.64 -0.65 -34.98
CA PHE A 1082 -8.04 -0.34 -35.06
C PHE A 1082 -8.24 1.15 -34.86
N SER A 1083 -8.81 1.81 -35.86
CA SER A 1083 -9.17 3.22 -35.70
C SER A 1083 -10.63 3.48 -35.91
N GLU A 1084 -11.41 2.44 -36.19
CA GLU A 1084 -12.82 2.65 -36.46
C GLU A 1084 -13.79 1.55 -36.03
N GLY A 1085 -13.31 0.43 -35.54
CA GLY A 1085 -14.29 -0.56 -35.14
C GLY A 1085 -15.10 -0.14 -33.91
N PRO A 1086 -15.94 -1.06 -33.39
CA PRO A 1086 -16.34 -1.02 -31.97
C PRO A 1086 -15.25 -1.60 -31.07
N PHE A 1087 -14.17 -2.10 -31.66
CA PHE A 1087 -13.14 -2.86 -30.95
C PHE A 1087 -11.80 -2.11 -30.74
N ARG A 1088 -11.26 -2.15 -29.54
CA ARG A 1088 -9.89 -1.70 -29.34
C ARG A 1088 -9.06 -2.72 -28.56
N GLU A 1089 -7.75 -2.51 -28.50
CA GLU A 1089 -6.94 -3.32 -27.60
C GLU A 1089 -5.54 -2.77 -27.35
N SER A 1090 -5.14 -2.75 -26.09
CA SER A 1090 -3.81 -2.29 -25.73
C SER A 1090 -3.31 -3.04 -24.50
N CYS A 1091 -2.04 -3.40 -24.52
CA CYS A 1091 -1.39 -3.97 -23.34
C CYS A 1091 -2.20 -5.10 -22.71
N GLY A 1092 -2.75 -5.98 -23.53
CA GLY A 1092 -3.39 -7.17 -23.00
C GLY A 1092 -4.86 -7.06 -22.67
N LYS A 1093 -5.42 -5.87 -22.77
CA LYS A 1093 -6.87 -5.72 -22.61
C LYS A 1093 -7.55 -5.52 -23.97
N HIS A 1094 -8.64 -6.25 -24.18
CA HIS A 1094 -9.39 -6.11 -25.42
C HIS A 1094 -10.80 -5.63 -25.10
N TYR A 1095 -11.25 -4.60 -25.82
CA TYR A 1095 -12.62 -4.13 -25.62
C TYR A 1095 -13.49 -4.11 -26.87
N TYR A 1096 -14.77 -4.38 -26.64
CA TYR A 1096 -15.78 -4.27 -27.66
C TYR A 1096 -16.90 -3.37 -27.11
N SER A 1097 -16.98 -2.15 -27.63
CA SER A 1097 -17.95 -1.17 -27.15
C SER A 1097 -17.96 -1.05 -25.63
N GLY A 1098 -16.78 -1.07 -25.02
CA GLY A 1098 -16.68 -0.90 -23.59
C GLY A 1098 -16.67 -2.18 -22.80
N VAL A 1099 -17.23 -3.26 -23.35
CA VAL A 1099 -17.22 -4.52 -22.61
C VAL A 1099 -15.89 -5.24 -22.75
N ASP A 1100 -15.45 -5.85 -21.66
CA ASP A 1100 -14.12 -6.47 -21.60
C ASP A 1100 -14.20 -7.81 -22.29
N VAL A 1101 -13.45 -7.96 -23.36
CA VAL A 1101 -13.53 -9.18 -24.13
C VAL A 1101 -12.17 -9.81 -24.26
N THR A 1102 -11.24 -9.40 -23.42
CA THR A 1102 -9.95 -10.06 -23.43
C THR A 1102 -10.12 -11.59 -23.22
N PRO A 1103 -9.44 -12.38 -24.05
CA PRO A 1103 -9.63 -13.83 -24.01
C PRO A 1103 -8.65 -14.48 -23.03
N PHE A 1104 -8.49 -15.80 -23.09
CA PHE A 1104 -7.42 -16.47 -22.37
C PHE A 1104 -6.86 -17.52 -23.27
N TYR A 1105 -5.61 -17.90 -22.99
CA TYR A 1105 -4.87 -18.79 -23.88
C TYR A 1105 -4.52 -20.11 -23.24
N ILE A 1106 -4.72 -21.19 -23.99
CA ILE A 1106 -4.14 -22.44 -23.59
C ILE A 1106 -2.85 -22.59 -24.35
N ARG A 1107 -1.75 -22.33 -23.66
CA ARG A 1107 -0.47 -22.26 -24.33
C ARG A 1107 0.26 -23.61 -24.47
N HIS A 1108 0.14 -24.50 -23.48
CA HIS A 1108 0.93 -25.74 -23.51
C HIS A 1108 0.10 -27.02 -23.44
N ARG A 1109 0.71 -28.15 -23.79
CA ARG A 1109 0.06 -29.44 -23.62
C ARG A 1109 -0.23 -29.60 -22.13
N ILE A 1110 -1.45 -29.98 -21.82
CA ILE A 1110 -1.86 -30.11 -20.43
C ILE A 1110 -1.49 -31.48 -19.90
N VAL A 1111 -0.50 -31.55 -19.01
CA VAL A 1111 0.00 -32.83 -18.55
C VAL A 1111 -0.12 -33.03 -17.03
N SER A 1112 0.13 -31.99 -16.24
CA SER A 1112 0.06 -32.18 -14.79
C SER A 1112 -1.15 -31.48 -14.16
N PRO A 1113 -1.49 -31.85 -12.93
CA PRO A 1113 -2.57 -31.14 -12.25
C PRO A 1113 -2.41 -29.61 -12.25
N ALA A 1114 -1.19 -29.11 -12.01
CA ALA A 1114 -0.95 -27.67 -12.17
C ALA A 1114 -1.36 -27.17 -13.57
N ASP A 1115 -0.94 -27.85 -14.63
CA ASP A 1115 -1.38 -27.43 -15.97
C ASP A 1115 -2.89 -27.32 -16.07
N LEU A 1116 -3.61 -28.30 -15.53
CA LEU A 1116 -5.05 -28.31 -15.68
C LEU A 1116 -5.65 -27.21 -14.84
N ILE A 1117 -5.06 -26.96 -13.68
CA ILE A 1117 -5.60 -25.98 -12.74
C ILE A 1117 -5.50 -24.55 -13.32
N LEU A 1118 -4.39 -24.25 -13.95
CA LEU A 1118 -4.26 -22.95 -14.60
C LEU A 1118 -5.38 -22.77 -15.63
N VAL A 1119 -5.56 -23.76 -16.48
CA VAL A 1119 -6.55 -23.66 -17.54
C VAL A 1119 -7.93 -23.41 -16.97
N LEU A 1120 -8.36 -24.26 -16.04
CA LEU A 1120 -9.64 -24.05 -15.33
C LEU A 1120 -9.77 -22.71 -14.60
N ASN A 1121 -8.73 -22.29 -13.89
CA ASN A 1121 -8.75 -20.96 -13.32
C ASN A 1121 -8.88 -19.87 -14.40
N ASN A 1122 -8.07 -19.98 -15.46
CA ASN A 1122 -8.26 -19.03 -16.55
C ASN A 1122 -9.69 -19.05 -17.08
N LEU A 1123 -10.33 -20.20 -17.08
CA LEU A 1123 -11.72 -20.26 -17.52
C LEU A 1123 -12.59 -19.53 -16.53
N TYR A 1124 -12.35 -19.84 -15.25
CA TYR A 1124 -13.04 -19.19 -14.14
C TYR A 1124 -13.03 -17.67 -14.23
N ARG A 1125 -11.85 -17.08 -14.39
CA ARG A 1125 -11.77 -15.63 -14.40
C ARG A 1125 -12.41 -15.07 -15.65
N TRP A 1126 -12.40 -15.87 -16.71
CA TRP A 1126 -13.03 -15.44 -17.95
C TRP A 1126 -14.55 -15.48 -17.89
N ALA A 1127 -15.11 -16.41 -17.12
CA ALA A 1127 -16.56 -16.64 -17.21
C ALA A 1127 -17.30 -16.25 -15.94
N THR A 1128 -16.63 -15.47 -15.11
CA THR A 1128 -17.12 -15.26 -13.75
C THR A 1128 -17.29 -13.78 -13.42
N ILE A 1129 -18.50 -13.39 -13.09
CA ILE A 1129 -18.71 -12.04 -12.60
C ILE A 1129 -18.81 -12.06 -11.10
N ASP A 1130 -17.82 -11.48 -10.46
CA ASP A 1130 -17.86 -11.28 -9.03
C ASP A 1130 -18.12 -12.60 -8.32
N GLY A 1131 -17.45 -13.65 -8.78
CA GLY A 1131 -17.60 -14.97 -8.21
C GLY A 1131 -18.83 -15.74 -8.67
N VAL A 1132 -19.62 -15.18 -9.59
CA VAL A 1132 -20.81 -15.86 -10.06
C VAL A 1132 -20.61 -16.40 -11.47
N TRP A 1133 -20.99 -17.66 -11.70
CA TRP A 1133 -20.76 -18.31 -12.98
C TRP A 1133 -21.75 -17.93 -14.08
N ASP A 1134 -21.23 -17.62 -15.27
CA ASP A 1134 -22.02 -17.81 -16.46
C ASP A 1134 -22.29 -19.32 -16.49
N PRO A 1135 -23.56 -19.74 -16.57
CA PRO A 1135 -23.85 -21.17 -16.54
C PRO A 1135 -23.30 -21.91 -17.76
N ARG A 1136 -23.23 -21.23 -18.90
CA ARG A 1136 -22.73 -21.86 -20.14
C ARG A 1136 -21.31 -22.38 -19.96
N ALA A 1137 -20.52 -21.66 -19.19
CA ALA A 1137 -19.13 -22.06 -19.05
C ALA A 1137 -18.99 -23.00 -17.86
N HIS A 1138 -19.81 -22.78 -16.83
CA HIS A 1138 -19.73 -23.58 -15.61
C HIS A 1138 -19.76 -25.07 -15.88
N SER A 1139 -20.62 -25.47 -16.80
CA SER A 1139 -20.81 -26.89 -17.07
C SER A 1139 -19.50 -27.50 -17.57
N VAL A 1140 -18.82 -26.80 -18.47
CA VAL A 1140 -17.53 -27.24 -18.95
C VAL A 1140 -16.48 -27.27 -17.83
N TYR A 1141 -16.56 -26.31 -16.93
CA TYR A 1141 -15.66 -26.27 -15.79
C TYR A 1141 -15.81 -27.53 -14.93
N LEU A 1142 -17.03 -27.87 -14.56
CA LEU A 1142 -17.25 -29.02 -13.70
C LEU A 1142 -16.90 -30.33 -14.40
N LYS A 1143 -16.91 -30.33 -15.72
CA LYS A 1143 -16.61 -31.56 -16.43
C LYS A 1143 -15.13 -31.88 -16.34
N TYR A 1144 -14.28 -30.90 -16.62
CA TYR A 1144 -12.85 -31.15 -16.62
C TYR A 1144 -12.24 -31.14 -15.22
N ARG A 1145 -12.92 -30.49 -14.28
CA ARG A 1145 -12.53 -30.55 -12.89
C ARG A 1145 -12.36 -32.01 -12.47
N LYS A 1146 -13.12 -32.89 -13.12
CA LYS A 1146 -13.15 -34.27 -12.70
C LYS A 1146 -11.90 -35.00 -13.08
N LEU A 1147 -11.16 -34.46 -14.05
CA LEU A 1147 -9.92 -35.10 -14.47
C LEU A 1147 -8.80 -34.95 -13.44
N LEU A 1148 -9.01 -34.10 -12.43
CA LEU A 1148 -7.98 -33.90 -11.40
C LEU A 1148 -8.09 -34.94 -10.33
N PRO A 1149 -6.96 -35.30 -9.70
CA PRO A 1149 -6.97 -36.09 -8.47
C PRO A 1149 -8.01 -35.51 -7.53
N LYS A 1150 -8.70 -36.34 -6.78
CA LYS A 1150 -9.86 -35.92 -6.01
C LYS A 1150 -9.58 -34.82 -4.96
N GLN A 1151 -8.51 -34.98 -4.15
CA GLN A 1151 -8.25 -33.97 -3.11
C GLN A 1151 -8.06 -32.61 -3.77
N LEU A 1152 -7.51 -32.61 -4.97
CA LEU A 1152 -7.19 -31.38 -5.64
C LEU A 1152 -8.42 -30.67 -6.19
N GLN A 1153 -9.51 -31.42 -6.37
CA GLN A 1153 -10.76 -30.86 -6.83
C GLN A 1153 -11.46 -30.01 -5.76
N ARG A 1154 -11.14 -30.26 -4.49
CA ARG A 1154 -11.73 -29.50 -3.39
C ARG A 1154 -10.76 -28.48 -2.80
N ASN A 1155 -9.48 -28.58 -3.14
CA ASN A 1155 -8.50 -27.65 -2.60
C ASN A 1155 -8.61 -26.28 -3.27
N THR A 1156 -9.39 -25.37 -2.68
CA THR A 1156 -9.67 -24.09 -3.31
C THR A 1156 -9.03 -22.88 -2.59
N ILE A 1157 -8.65 -21.89 -3.39
CA ILE A 1157 -8.17 -20.60 -2.88
C ILE A 1157 -8.98 -19.43 -3.46
N PRO A 1158 -8.87 -18.26 -2.83
CA PRO A 1158 -9.49 -17.05 -3.38
C PRO A 1158 -8.73 -16.56 -4.61
N ASP A 1159 -9.42 -15.88 -5.52
CA ASP A 1159 -8.74 -15.25 -6.63
C ASP A 1159 -7.78 -14.20 -6.05
N GLY A 1160 -6.74 -13.86 -6.80
CA GLY A 1160 -5.70 -13.00 -6.30
C GLY A 1160 -4.56 -13.72 -5.57
N TYR A 1161 -4.59 -15.05 -5.53
CA TYR A 1161 -3.55 -15.79 -4.83
C TYR A 1161 -2.79 -16.76 -5.73
N GLY A 1162 -2.83 -16.51 -7.05
CA GLY A 1162 -2.10 -17.34 -7.99
C GLY A 1162 -2.85 -18.55 -8.49
N ASP A 1163 -2.12 -19.58 -8.92
CA ASP A 1163 -2.73 -20.75 -9.52
C ASP A 1163 -2.20 -22.08 -8.96
N GLY A 1164 -1.86 -22.09 -7.68
CA GLY A 1164 -1.40 -23.33 -7.09
C GLY A 1164 -2.58 -24.15 -6.58
N ALA A 1165 -3.78 -23.66 -6.85
CA ALA A 1165 -5.00 -24.36 -6.46
C ALA A 1165 -6.15 -23.75 -7.22
N LEU A 1166 -7.28 -24.45 -7.28
CA LEU A 1166 -8.49 -23.92 -7.90
C LEU A 1166 -9.02 -22.69 -7.17
N VAL A 1167 -9.23 -21.62 -7.94
CA VAL A 1167 -9.92 -20.46 -7.42
C VAL A 1167 -11.37 -20.88 -7.14
N GLY A 1168 -11.81 -20.65 -5.91
CA GLY A 1168 -13.16 -21.00 -5.46
C GLY A 1168 -13.41 -20.37 -4.12
N SER A 1169 -14.25 -20.96 -3.28
CA SER A 1169 -14.51 -20.40 -1.94
C SER A 1169 -13.63 -21.06 -0.89
N VAL A 1170 -12.81 -20.26 -0.22
CA VAL A 1170 -11.82 -20.82 0.69
C VAL A 1170 -12.38 -21.36 2.01
N LEU A 1171 -13.58 -20.86 2.38
CA LEU A 1171 -14.23 -21.29 3.61
C LEU A 1171 -14.70 -22.75 3.50
N ILE A 1172 -15.11 -23.13 2.30
CA ILE A 1172 -15.46 -24.52 1.97
C ILE A 1172 -14.28 -25.51 2.05
N ASN A 1173 -13.06 -25.02 1.78
CA ASN A 1173 -11.86 -25.86 1.64
C ASN A 1173 -11.58 -26.70 2.88
N PRO A 1174 -11.61 -28.03 2.71
CA PRO A 1174 -11.43 -28.97 3.83
C PRO A 1174 -9.97 -29.05 4.29
N PHE A 1175 -9.05 -28.69 3.39
CA PHE A 1175 -7.64 -28.74 3.73
C PHE A 1175 -7.18 -27.42 4.31
N ALA A 1176 -8.06 -26.42 4.32
CA ALA A 1176 -7.72 -25.17 4.98
C ALA A 1176 -7.31 -25.47 6.43
N LYS A 1177 -6.27 -24.82 6.92
CA LYS A 1177 -5.91 -25.00 8.31
C LYS A 1177 -5.86 -23.65 9.02
N ASN A 1178 -6.82 -23.38 9.90
CA ASN A 1178 -6.78 -22.15 10.68
C ASN A 1178 -5.90 -22.34 11.91
N ARG A 1179 -4.85 -21.53 12.00
CA ARG A 1179 -3.79 -21.73 12.97
C ARG A 1179 -3.52 -20.35 13.55
N GLY A 1180 -3.78 -20.16 14.84
CA GLY A 1180 -3.54 -18.88 15.48
C GLY A 1180 -4.30 -17.71 14.88
N TRP A 1181 -5.53 -17.96 14.50
CA TRP A 1181 -6.38 -16.91 13.96
C TRP A 1181 -5.93 -16.46 12.59
N ILE A 1182 -4.99 -17.19 12.03
CA ILE A 1182 -4.70 -16.99 10.62
C ILE A 1182 -4.90 -18.28 9.78
N ARG A 1183 -5.43 -18.11 8.56
CA ARG A 1183 -5.90 -19.21 7.74
C ARG A 1183 -4.82 -19.63 6.77
N TYR A 1184 -4.38 -20.88 6.86
CA TYR A 1184 -3.34 -21.41 5.97
C TYR A 1184 -3.93 -22.38 4.97
N VAL A 1185 -3.70 -22.12 3.70
CA VAL A 1185 -4.18 -23.04 2.69
C VAL A 1185 -3.00 -23.52 1.85
N PRO A 1186 -3.01 -24.81 1.48
CA PRO A 1186 -1.89 -25.41 0.75
C PRO A 1186 -2.02 -25.24 -0.77
N VAL A 1187 -0.95 -24.84 -1.44
CA VAL A 1187 -0.96 -24.68 -2.87
C VAL A 1187 0.20 -25.45 -3.44
N ILE A 1188 0.05 -25.84 -4.72
CA ILE A 1188 1.10 -26.51 -5.44
C ILE A 1188 2.17 -25.50 -5.83
N THR A 1189 3.42 -25.92 -5.73
CA THR A 1189 4.56 -25.03 -5.89
C THR A 1189 5.57 -25.80 -6.70
N ASP A 1190 6.34 -25.14 -7.54
CA ASP A 1190 7.37 -25.89 -8.27
C ASP A 1190 8.47 -26.20 -7.26
N HIS A 1191 8.95 -27.44 -7.26
CA HIS A 1191 9.85 -27.91 -6.23
C HIS A 1191 11.29 -27.63 -6.63
N THR A 1192 12.09 -27.09 -5.70
CA THR A 1192 13.45 -26.68 -6.02
C THR A 1192 14.51 -27.30 -5.12
N ARG A 1193 15.73 -27.35 -5.64
CA ARG A 1193 16.89 -27.75 -4.86
C ARG A 1193 17.87 -26.59 -4.72
N ASP A 1194 18.56 -26.51 -3.60
CA ASP A 1194 19.50 -25.43 -3.43
C ASP A 1194 20.77 -25.61 -4.24
N ARG A 1195 21.38 -24.48 -4.55
CA ARG A 1195 22.61 -24.45 -5.31
C ARG A 1195 23.54 -23.51 -4.58
N GLU A 1196 24.83 -23.68 -4.76
CA GLU A 1196 25.76 -22.82 -4.06
C GLU A 1196 25.82 -21.47 -4.77
N ARG A 1197 25.65 -20.39 -4.01
CA ARG A 1197 25.86 -19.06 -4.57
C ARG A 1197 27.34 -18.71 -4.63
N ALA A 1198 27.68 -17.73 -5.47
CA ALA A 1198 29.04 -17.19 -5.53
C ALA A 1198 29.22 -16.13 -4.46
N GLU A 1199 30.01 -16.43 -3.44
CA GLU A 1199 30.21 -15.48 -2.34
C GLU A 1199 30.67 -14.06 -2.72
N LEU A 1200 31.79 -13.92 -3.43
CA LEU A 1200 32.28 -12.58 -3.77
C LEU A 1200 31.27 -11.87 -4.69
N GLY A 1201 30.76 -12.61 -5.68
CA GLY A 1201 29.82 -12.04 -6.60
C GLY A 1201 28.59 -11.51 -5.91
N SER A 1202 28.12 -12.21 -4.89
CA SER A 1202 26.91 -11.78 -4.20
C SER A 1202 27.24 -10.57 -3.35
N TYR A 1203 28.40 -10.59 -2.73
CA TYR A 1203 28.82 -9.46 -1.91
C TYR A 1203 28.93 -8.19 -2.77
N LEU A 1204 29.65 -8.32 -3.88
CA LEU A 1204 29.69 -7.26 -4.87
C LEU A 1204 28.28 -6.80 -5.27
N TYR A 1205 27.39 -7.76 -5.54
CA TYR A 1205 26.04 -7.43 -6.00
C TYR A 1205 25.32 -6.63 -4.95
N ASP A 1206 25.47 -7.04 -3.70
CA ASP A 1206 24.95 -6.33 -2.55
C ASP A 1206 25.47 -4.90 -2.46
N LEU A 1207 26.77 -4.73 -2.40
CA LEU A 1207 27.31 -3.38 -2.27
C LEU A 1207 26.89 -2.51 -3.45
N PHE A 1208 26.91 -3.10 -4.63
CA PHE A 1208 26.56 -2.35 -5.82
C PHE A 1208 25.12 -1.81 -5.75
N SER A 1209 24.21 -2.66 -5.27
CA SER A 1209 22.82 -2.27 -5.07
C SER A 1209 22.65 -1.15 -4.05
N ARG A 1210 23.36 -1.23 -2.93
CA ARG A 1210 23.29 -0.17 -1.92
C ARG A 1210 23.81 1.12 -2.52
N CYS A 1211 24.87 1.04 -3.33
CA CYS A 1211 25.33 2.21 -4.08
C CYS A 1211 24.18 2.84 -4.91
N LEU A 1212 23.42 2.02 -5.63
CA LEU A 1212 22.24 2.48 -6.38
C LEU A 1212 21.16 3.20 -5.56
N SER A 1213 20.71 2.59 -4.45
CA SER A 1213 19.77 3.29 -3.57
C SER A 1213 20.20 4.73 -3.35
N GLU A 1214 21.43 4.92 -2.86
CA GLU A 1214 21.94 6.24 -2.50
C GLU A 1214 21.87 7.26 -3.64
N SER A 1215 21.89 6.77 -4.88
CA SER A 1215 21.92 7.62 -6.08
C SER A 1215 20.54 8.04 -6.55
N ASN A 1216 19.51 7.62 -5.82
CA ASN A 1216 18.13 7.87 -6.23
C ASN A 1216 17.14 7.72 -5.06
N ALA A 1234 0.82 8.31 6.76
CA ALA A 1234 0.17 7.00 6.64
C ALA A 1234 1.12 5.93 6.09
N ILE A 1235 2.41 6.24 6.06
CA ILE A 1235 3.43 5.37 5.42
C ILE A 1235 4.39 4.69 6.42
N ASP A 1236 4.12 3.43 6.73
CA ASP A 1236 4.97 2.71 7.68
C ASP A 1236 5.60 1.47 7.07
N GLN A 1237 5.20 1.14 5.84
CA GLN A 1237 5.83 0.04 5.11
C GLN A 1237 7.35 0.18 5.08
N LEU A 1238 7.84 1.34 5.53
CA LEU A 1238 9.27 1.62 5.64
C LEU A 1238 9.93 0.77 6.73
N ILE A 1239 9.19 -0.20 7.27
CA ILE A 1239 9.73 -1.07 8.30
C ILE A 1239 10.26 -2.40 7.71
N CYS A 1240 10.61 -2.40 6.41
CA CYS A 1240 11.10 -3.61 5.73
C CYS A 1240 12.28 -3.35 4.78
N ARG A 1241 12.92 -4.42 4.26
CA ARG A 1241 14.18 -4.33 3.48
C ARG A 1241 14.17 -4.86 2.02
N SER A 1242 15.30 -5.49 1.66
CA SER A 1242 15.49 -6.24 0.41
C SER A 1242 16.45 -7.42 0.66
N ASN A 1243 16.16 -8.57 0.02
CA ASN A 1243 16.62 -9.90 0.49
C ASN A 1243 17.91 -10.59 -0.10
N PRO A 1244 18.60 -11.38 0.74
CA PRO A 1244 19.81 -12.16 0.42
C PRO A 1244 19.72 -12.91 -0.88
N THR A 1245 20.85 -13.02 -1.57
CA THR A 1245 20.95 -13.81 -2.78
C THR A 1245 20.97 -15.31 -2.47
N LYS A 1246 19.94 -16.01 -2.90
CA LYS A 1246 19.92 -17.48 -2.83
C LYS A 1246 19.63 -18.05 -4.20
N ILE A 1247 20.46 -18.99 -4.64
CA ILE A 1247 20.29 -19.63 -5.94
C ILE A 1247 19.62 -21.00 -5.77
N SER A 1248 18.77 -21.35 -6.72
CA SER A 1248 18.05 -22.60 -6.65
C SER A 1248 17.85 -23.17 -8.05
N ARG A 1249 17.84 -24.48 -8.15
CA ARG A 1249 17.55 -25.15 -9.40
C ARG A 1249 16.14 -25.73 -9.35
N SER A 1250 15.44 -25.65 -10.47
CA SER A 1250 14.14 -26.27 -10.56
C SER A 1250 14.28 -27.74 -10.95
N THR A 1251 13.95 -28.65 -10.03
CA THR A 1251 13.67 -30.04 -10.42
C THR A 1251 12.35 -29.96 -11.18
N GLY A 1252 11.91 -31.06 -11.78
CA GLY A 1252 10.62 -31.00 -12.48
C GLY A 1252 9.44 -31.56 -11.70
N LYS A 1253 9.58 -31.60 -10.38
CA LYS A 1253 8.52 -32.09 -9.52
C LYS A 1253 7.75 -30.91 -8.90
N PHE A 1254 6.68 -31.24 -8.19
CA PHE A 1254 5.88 -30.21 -7.53
C PHE A 1254 6.00 -30.36 -6.04
N ASP A 1255 5.86 -29.24 -5.36
CA ASP A 1255 5.77 -29.30 -3.91
C ASP A 1255 4.43 -28.76 -3.45
N ILE A 1256 4.17 -28.91 -2.16
CA ILE A 1256 3.00 -28.30 -1.58
C ILE A 1256 3.45 -27.29 -0.55
N GLN A 1257 2.98 -26.07 -0.69
CA GLN A 1257 3.34 -25.03 0.25
C GLN A 1257 2.09 -24.49 0.91
N TYR A 1258 2.08 -24.39 2.24
CA TYR A 1258 1.00 -23.68 2.92
C TYR A 1258 1.26 -22.18 2.90
N ILE A 1259 0.20 -21.41 2.69
CA ILE A 1259 0.33 -19.96 2.58
C ILE A 1259 -0.79 -19.30 3.35
N ALA A 1260 -0.57 -18.06 3.78
CA ALA A 1260 -1.59 -17.33 4.51
C ALA A 1260 -2.71 -16.80 3.59
N CYS A 1261 -3.94 -16.94 4.05
CA CYS A 1261 -5.13 -16.61 3.27
C CYS A 1261 -6.19 -15.85 4.04
N SER A 1262 -7.05 -15.16 3.29
CA SER A 1262 -8.12 -14.37 3.87
C SER A 1262 -9.32 -14.37 2.92
N SER A 1263 -10.44 -14.90 3.42
CA SER A 1263 -11.72 -14.93 2.70
C SER A 1263 -11.77 -14.10 1.40
N ARG A 1264 -11.41 -12.82 1.49
CA ARG A 1264 -11.41 -11.92 0.32
C ARG A 1264 -10.17 -11.02 0.24
#